data_7XSA
#
_entry.id   7XSA
#
_cell.length_a   80.951
_cell.length_b   70.800
_cell.length_c   127.800
_cell.angle_alpha   90.00
_cell.angle_beta   95.98
_cell.angle_gamma   90.00
#
_symmetry.space_group_name_H-M   'P 1 21 1'
#
loop_
_entity.id
_entity.type
_entity.pdbx_description
1 polymer 'P2S-2E9 Heavy chain'
2 polymer 'P2S-2E9 Light chain'
3 polymer 'Spike protein S1'
#
loop_
_entity_poly.entity_id
_entity_poly.type
_entity_poly.pdbx_seq_one_letter_code
_entity_poly.pdbx_strand_id
1 'polypeptide(L)'
;QITLKESGPTLVKPTQTLTLTCTFSGFSLSTSGVGVGWIRQPPGKALEWLALIYWDDDKRYSPSLKSRLTITKDTSKNQV
VLTMTNMDPVDTATYYCARHRIGYIFDYWGQGTLVTVSSASTKGPSVFPLAPSSKSTSGGTAALGCLVKDYFPEPVTVSW
NSGALTSGVHTFPAVLQSSGLYSLSSVVTVPSSSLGTQTYICNVNHKPSNTKVDKKVE
;
B,H
2 'polypeptide(L)'
;QSALTQPASVSGSPGQSITISCTGTSSDVGDFNYVSWYQQHPGKAPKLMIYDVTKRPSGVSNRFSGSKSGNTASLTISGL
QAEDEADYCCSSYTTSSISFGGGTKLTVLGQPKAAPSVTLFPPSSEELQANKATLVCLISDFYPGAVTVAWKADSSPVKA
GVETTTPSKQSNNKYAASSYLSLTPEQWKSHRSYSCQVTHEGSTVEKTVAPTECS
;
C,I
3 'polypeptide(L)'
;MLLVNQSHQGFNKEHTSKMVSAIVLYVLLAAAAHSAFAADPTNLCPFGEVFNATRFASVYAWNRKRISNCVADYSVLYNS
ASFSTFKCYGVSPTKLNDLCFTNVYADSFVIRGDEVRQIAPGQTGNIADYNYKLPDDFTGCVIAWNSNNLDSKVGGNYNY
LYRLFRKSNLKPFERDISTEIYQAGSTPCNGVKGFNCYFPLQSYGFQPTYGVGYQPYRVVVLSFELLHAPATVCGPHHHH
HH
;
E,J
#
# COMPACT_ATOMS: atom_id res chain seq x y z
N ILE A 2 -25.17 4.80 22.48
CA ILE A 2 -24.96 6.22 22.21
C ILE A 2 -23.51 6.65 22.53
N THR A 3 -22.86 6.12 23.58
CA THR A 3 -21.51 6.55 23.95
C THR A 3 -20.67 5.40 24.48
N LEU A 4 -19.37 5.38 24.12
CA LEU A 4 -18.37 4.54 24.78
C LEU A 4 -17.09 5.35 24.98
N LYS A 5 -16.37 5.06 26.07
CA LYS A 5 -15.15 5.82 26.40
C LYS A 5 -14.13 4.93 27.09
N GLU A 6 -12.94 4.81 26.50
CA GLU A 6 -11.83 4.08 27.11
C GLU A 6 -11.22 4.88 28.26
N SER A 7 -10.52 4.20 29.16
CA SER A 7 -9.79 4.91 30.20
C SER A 7 -8.56 5.59 29.59
N GLY A 8 -7.85 6.34 30.43
CA GLY A 8 -6.90 7.33 29.98
C GLY A 8 -5.68 6.74 29.32
N PRO A 9 -4.93 7.58 28.59
CA PRO A 9 -3.71 7.08 27.92
C PRO A 9 -2.68 6.63 28.94
N THR A 10 -1.98 5.55 28.62
CA THR A 10 -1.26 4.87 29.68
C THR A 10 0.09 4.45 29.14
N LEU A 11 1.12 4.62 29.96
CA LEU A 11 2.45 4.10 29.67
C LEU A 11 2.57 2.77 30.39
N VAL A 12 3.13 1.78 29.70
CA VAL A 12 3.21 0.43 30.22
C VAL A 12 4.62 -0.08 30.02
N LYS A 13 5.24 -0.54 31.10
CA LYS A 13 6.61 -1.05 31.02
C LYS A 13 6.61 -2.41 30.33
N PRO A 14 7.62 -2.72 29.53
CA PRO A 14 7.66 -4.03 28.87
C PRO A 14 7.60 -5.17 29.90
N THR A 15 6.93 -6.26 29.49
CA THR A 15 6.61 -7.47 30.27
C THR A 15 5.53 -7.25 31.32
N GLN A 16 5.12 -6.01 31.57
CA GLN A 16 4.04 -5.83 32.53
C GLN A 16 2.71 -5.86 31.80
N THR A 17 1.62 -5.61 32.53
CA THR A 17 0.29 -5.89 32.02
C THR A 17 -0.52 -4.61 31.84
N LEU A 18 -1.17 -4.52 30.69
CA LEU A 18 -2.11 -3.44 30.40
C LEU A 18 -3.45 -3.69 31.05
N THR A 19 -4.10 -2.62 31.48
CA THR A 19 -5.46 -2.69 32.00
C THR A 19 -6.22 -1.48 31.51
N LEU A 20 -7.30 -1.71 30.77
CA LEU A 20 -8.15 -0.68 30.23
C LEU A 20 -9.57 -0.90 30.70
N THR A 21 -10.32 0.19 30.83
CA THR A 21 -11.71 0.09 31.23
C THR A 21 -12.55 0.88 30.24
N CYS A 22 -13.61 0.24 29.75
CA CYS A 22 -14.59 0.88 28.88
C CYS A 22 -15.80 1.23 29.73
N THR A 23 -16.20 2.50 29.71
CA THR A 23 -17.45 2.92 30.31
C THR A 23 -18.39 3.39 29.21
N PHE A 24 -19.60 2.83 29.17
CA PHE A 24 -20.53 3.08 28.09
C PHE A 24 -21.84 3.59 28.65
N SER A 25 -22.64 4.22 27.79
CA SER A 25 -23.96 4.71 28.19
C SER A 25 -24.86 4.69 26.97
N GLY A 26 -26.16 4.56 27.23
CA GLY A 26 -27.16 4.56 26.19
C GLY A 26 -27.73 3.20 25.85
N PHE A 27 -27.17 2.14 26.41
CA PHE A 27 -27.57 0.78 26.07
C PHE A 27 -27.08 -0.10 27.20
N SER A 28 -27.71 -1.25 27.35
CA SER A 28 -27.33 -2.17 28.41
C SER A 28 -26.57 -3.35 27.85
N LEU A 29 -25.56 -3.80 28.57
CA LEU A 29 -24.89 -5.02 28.18
C LEU A 29 -25.60 -6.25 28.75
N SER A 30 -26.84 -6.07 29.20
CA SER A 30 -27.68 -7.20 29.58
C SER A 30 -28.67 -7.56 28.49
N THR A 31 -28.97 -6.64 27.57
CA THR A 31 -29.90 -6.92 26.49
C THR A 31 -29.33 -7.94 25.49
N SER A 32 -30.20 -8.84 25.03
CA SER A 32 -29.81 -10.00 24.22
C SER A 32 -29.19 -9.58 22.90
N GLY A 33 -28.10 -10.28 22.52
CA GLY A 33 -27.40 -10.03 21.28
C GLY A 33 -26.28 -9.01 21.38
N VAL A 34 -26.31 -8.15 22.39
CA VAL A 34 -25.33 -7.09 22.55
C VAL A 34 -24.03 -7.66 23.11
N GLY A 35 -22.90 -7.13 22.63
CA GLY A 35 -21.61 -7.32 23.26
C GLY A 35 -20.81 -6.04 23.26
N VAL A 36 -19.66 -6.07 23.93
CA VAL A 36 -18.68 -4.99 23.92
C VAL A 36 -17.30 -5.60 23.69
N GLY A 37 -16.58 -5.08 22.70
CA GLY A 37 -15.29 -5.64 22.33
C GLY A 37 -14.19 -4.58 22.32
N TRP A 38 -12.97 -5.07 22.14
CA TRP A 38 -11.77 -4.25 22.13
C TRP A 38 -11.01 -4.49 20.83
N ILE A 39 -10.61 -3.39 20.19
CA ILE A 39 -9.92 -3.40 18.90
C ILE A 39 -8.75 -2.41 19.02
N ARG A 40 -7.62 -2.75 18.42
CA ARG A 40 -6.46 -1.86 18.48
C ARG A 40 -5.96 -1.56 17.08
N GLN A 41 -5.23 -0.45 16.96
CA GLN A 41 -4.63 -0.06 15.69
C GLN A 41 -3.21 0.42 15.95
N PRO A 42 -2.20 -0.37 15.59
CA PRO A 42 -0.80 0.12 15.70
C PRO A 42 -0.55 1.24 14.71
N PRO A 43 0.23 2.25 15.11
CA PRO A 43 0.47 3.41 14.24
C PRO A 43 0.79 3.02 12.81
N GLY A 44 0.03 3.60 11.88
CA GLY A 44 0.13 3.23 10.47
C GLY A 44 -0.17 1.78 10.12
N LYS A 45 -0.88 1.03 10.96
CA LYS A 45 -1.16 -0.36 10.65
C LYS A 45 -2.66 -0.64 10.72
N ALA A 46 -3.02 -1.90 10.53
CA ALA A 46 -4.41 -2.30 10.38
C ALA A 46 -5.12 -2.39 11.73
N LEU A 47 -6.44 -2.27 11.70
CA LEU A 47 -7.26 -2.57 12.86
C LEU A 47 -7.13 -4.03 13.20
N GLU A 48 -7.00 -4.34 14.48
CA GLU A 48 -6.84 -5.73 14.93
C GLU A 48 -7.81 -5.97 16.06
N TRP A 49 -8.77 -6.87 15.86
CA TRP A 49 -9.71 -7.25 16.91
C TRP A 49 -8.99 -8.00 18.01
N LEU A 50 -9.35 -7.71 19.25
CA LEU A 50 -8.69 -8.31 20.41
C LEU A 50 -9.59 -9.23 21.20
N ALA A 51 -10.78 -8.77 21.60
CA ALA A 51 -11.56 -9.50 22.58
C ALA A 51 -13.00 -9.03 22.51
N LEU A 52 -13.90 -9.85 23.04
CA LEU A 52 -15.31 -9.51 22.98
C LEU A 52 -15.96 -10.15 24.19
N ILE A 53 -16.99 -9.51 24.72
CA ILE A 53 -17.77 -10.10 25.81
C ILE A 53 -19.24 -9.87 25.52
N TYR A 54 -20.04 -10.94 25.62
CA TYR A 54 -21.44 -10.89 25.25
C TYR A 54 -22.35 -10.63 26.46
N TRP A 55 -23.62 -10.35 26.17
CA TRP A 55 -24.60 -10.06 27.23
C TRP A 55 -24.70 -11.17 28.26
N ASP A 56 -24.47 -12.42 27.85
CA ASP A 56 -24.60 -13.57 28.73
C ASP A 56 -23.26 -14.02 29.31
N ASP A 57 -22.23 -13.18 29.22
CA ASP A 57 -20.89 -13.41 29.76
C ASP A 57 -20.06 -14.40 28.96
N ASP A 58 -20.49 -14.78 27.75
CA ASP A 58 -19.58 -15.49 26.85
C ASP A 58 -18.42 -14.58 26.46
N LYS A 59 -17.20 -15.14 26.40
CA LYS A 59 -16.00 -14.38 26.10
C LYS A 59 -15.30 -14.98 24.90
N ARG A 60 -14.78 -14.13 24.03
CA ARG A 60 -14.09 -14.56 22.83
C ARG A 60 -12.87 -13.67 22.64
N TYR A 61 -11.81 -14.25 22.07
CA TYR A 61 -10.52 -13.61 21.99
C TYR A 61 -9.86 -13.93 20.65
N SER A 62 -8.99 -13.03 20.21
CA SER A 62 -8.03 -13.30 19.15
C SER A 62 -7.41 -14.67 19.39
N PRO A 63 -7.49 -15.60 18.44
CA PRO A 63 -6.83 -16.90 18.68
C PRO A 63 -5.34 -16.79 18.90
N SER A 64 -4.67 -15.83 18.27
CA SER A 64 -3.21 -15.73 18.40
C SER A 64 -2.78 -15.06 19.69
N LEU A 65 -3.63 -14.23 20.28
CA LEU A 65 -3.33 -13.48 21.49
C LEU A 65 -4.11 -13.97 22.69
N LYS A 66 -4.83 -15.08 22.55
CA LYS A 66 -5.76 -15.52 23.58
C LYS A 66 -5.09 -15.70 24.94
N SER A 67 -3.88 -16.26 24.96
CA SER A 67 -3.22 -16.55 26.24
C SER A 67 -2.91 -15.28 27.04
N ARG A 68 -2.87 -14.12 26.39
CA ARG A 68 -2.56 -12.87 27.10
C ARG A 68 -3.78 -12.02 27.42
N LEU A 69 -4.97 -12.38 26.95
CA LEU A 69 -6.12 -11.49 27.08
C LEU A 69 -7.09 -11.98 28.15
N THR A 70 -7.79 -11.01 28.73
CA THR A 70 -8.89 -11.26 29.64
C THR A 70 -9.86 -10.11 29.45
N ILE A 71 -11.15 -10.40 29.53
CA ILE A 71 -12.16 -9.36 29.47
C ILE A 71 -13.21 -9.67 30.52
N THR A 72 -13.70 -8.62 31.16
CA THR A 72 -14.64 -8.73 32.26
C THR A 72 -15.74 -7.69 32.04
N LYS A 73 -16.93 -7.98 32.54
CA LYS A 73 -18.00 -7.00 32.48
C LYS A 73 -18.54 -6.79 33.87
N ASP A 74 -19.07 -5.59 34.11
CA ASP A 74 -19.74 -5.20 35.35
C ASP A 74 -20.95 -4.36 34.92
N THR A 75 -22.09 -5.03 34.73
CA THR A 75 -23.30 -4.35 34.26
C THR A 75 -23.82 -3.32 35.25
N SER A 76 -23.44 -3.43 36.52
CA SER A 76 -23.90 -2.46 37.51
C SER A 76 -23.19 -1.13 37.32
N LYS A 77 -21.89 -1.18 37.01
CA LYS A 77 -21.07 0.01 36.73
C LYS A 77 -21.05 0.38 35.26
N ASN A 78 -21.74 -0.39 34.41
CA ASN A 78 -21.77 -0.14 32.96
C ASN A 78 -20.35 -0.05 32.39
N GLN A 79 -19.45 -0.90 32.89
CA GLN A 79 -18.09 -0.86 32.40
C GLN A 79 -17.61 -2.26 32.03
N VAL A 80 -16.64 -2.30 31.12
CA VAL A 80 -16.04 -3.54 30.63
C VAL A 80 -14.54 -3.37 30.72
N VAL A 81 -13.83 -4.39 31.18
CA VAL A 81 -12.43 -4.26 31.54
C VAL A 81 -11.62 -5.24 30.72
N LEU A 82 -10.55 -4.76 30.08
CA LEU A 82 -9.64 -5.58 29.30
C LEU A 82 -8.29 -5.64 30.00
N THR A 83 -7.69 -6.83 30.05
CA THR A 83 -6.31 -6.96 30.51
C THR A 83 -5.50 -7.72 29.46
N MET A 84 -4.25 -7.30 29.30
CA MET A 84 -3.28 -7.88 28.38
C MET A 84 -1.93 -7.96 29.09
N THR A 85 -1.22 -9.07 28.87
CA THR A 85 -0.03 -9.39 29.64
C THR A 85 1.18 -9.51 28.73
N ASN A 86 2.36 -9.44 29.36
CA ASN A 86 3.65 -9.49 28.69
C ASN A 86 3.72 -8.43 27.58
N MET A 87 3.34 -7.19 27.92
CA MET A 87 3.29 -6.13 26.93
C MET A 87 4.69 -5.83 26.37
N ASP A 88 4.75 -5.61 25.06
CA ASP A 88 5.93 -5.38 24.25
C ASP A 88 5.75 -4.12 23.44
N PRO A 89 6.84 -3.43 23.06
CA PRO A 89 6.69 -2.24 22.20
C PRO A 89 5.96 -2.49 20.89
N VAL A 90 5.87 -3.73 20.39
CA VAL A 90 5.09 -3.91 19.18
C VAL A 90 3.61 -3.68 19.48
N ASP A 91 3.21 -3.73 20.74
CA ASP A 91 1.83 -3.54 21.16
C ASP A 91 1.45 -2.09 21.38
N THR A 92 2.38 -1.16 21.18
CA THR A 92 2.04 0.26 21.20
C THR A 92 1.03 0.52 20.09
N ALA A 93 -0.13 1.08 20.46
CA ALA A 93 -1.22 1.24 19.50
C ALA A 93 -2.29 2.08 20.17
N THR A 94 -3.23 2.55 19.37
CA THR A 94 -4.48 3.03 19.94
C THR A 94 -5.41 1.84 20.20
N TYR A 95 -6.07 1.87 21.35
CA TYR A 95 -6.94 0.81 21.84
C TYR A 95 -8.36 1.34 21.96
N TYR A 96 -9.29 0.71 21.25
CA TYR A 96 -10.68 1.14 21.13
C TYR A 96 -11.62 0.11 21.74
N CYS A 97 -12.66 0.57 22.40
CA CYS A 97 -13.79 -0.27 22.72
C CYS A 97 -14.97 0.15 21.83
N ALA A 98 -15.90 -0.78 21.61
CA ALA A 98 -17.01 -0.54 20.68
C ALA A 98 -18.13 -1.54 20.97
N ARG A 99 -19.32 -1.22 20.50
CA ARG A 99 -20.49 -2.05 20.75
C ARG A 99 -20.70 -3.05 19.60
N HIS A 100 -20.98 -4.30 19.95
CA HIS A 100 -21.11 -5.39 18.99
C HIS A 100 -22.55 -5.92 18.97
N ARG A 101 -23.08 -6.30 17.77
CA ARG A 101 -24.32 -7.10 17.73
C ARG A 101 -24.41 -8.12 16.60
N ILE A 102 -23.31 -8.65 16.10
CA ILE A 102 -23.31 -9.70 15.05
C ILE A 102 -23.71 -9.13 13.69
N GLY A 103 -24.95 -8.63 13.57
CA GLY A 103 -25.42 -8.07 12.30
C GLY A 103 -24.55 -6.94 11.78
N TYR A 104 -23.97 -6.14 12.66
CA TYR A 104 -23.17 -5.03 12.16
C TYR A 104 -21.71 -5.11 12.57
N ILE A 105 -21.32 -6.11 13.36
CA ILE A 105 -19.96 -6.34 13.84
C ILE A 105 -19.61 -5.32 14.92
N PHE A 106 -19.42 -4.05 14.55
CA PHE A 106 -19.26 -2.97 15.52
C PHE A 106 -19.91 -1.71 14.96
N ASP A 107 -20.79 -1.04 15.73
CA ASP A 107 -21.39 0.21 15.27
C ASP A 107 -20.80 1.42 15.98
N TYR A 108 -21.03 1.58 17.28
CA TYR A 108 -20.50 2.74 17.99
C TYR A 108 -19.13 2.39 18.56
N TRP A 109 -18.14 3.22 18.24
CA TRP A 109 -16.78 3.07 18.73
C TRP A 109 -16.47 4.16 19.74
N GLY A 110 -15.56 3.86 20.68
CA GLY A 110 -14.96 4.91 21.46
C GLY A 110 -13.93 5.69 20.67
N GLN A 111 -13.48 6.80 21.28
CA GLN A 111 -12.49 7.67 20.64
C GLN A 111 -11.11 7.03 20.60
N GLY A 112 -10.87 6.04 21.42
CA GLY A 112 -9.58 5.38 21.40
C GLY A 112 -8.63 5.98 22.41
N THR A 113 -7.75 5.14 22.94
CA THR A 113 -6.78 5.58 23.94
C THR A 113 -5.42 5.04 23.56
N LEU A 114 -4.40 5.91 23.60
CA LEU A 114 -3.06 5.54 23.16
C LEU A 114 -2.31 4.80 24.25
N VAL A 115 -1.93 3.55 23.99
CA VAL A 115 -1.12 2.77 24.92
C VAL A 115 0.30 2.73 24.35
N THR A 116 1.28 3.07 25.20
CA THR A 116 2.69 3.11 24.82
C THR A 116 3.47 2.10 25.66
N VAL A 117 4.14 1.17 25.01
CA VAL A 117 5.00 0.20 25.70
C VAL A 117 6.45 0.65 25.52
N SER A 118 7.10 1.03 26.62
CA SER A 118 8.46 1.55 26.59
C SER A 118 9.04 1.47 28.01
N SER A 119 10.34 1.25 28.08
CA SER A 119 11.03 1.24 29.40
C SER A 119 11.28 2.69 29.83
N ALA A 120 11.22 3.62 28.87
CA ALA A 120 11.47 5.05 29.16
C ALA A 120 10.48 5.52 30.20
N SER A 121 10.87 6.53 30.97
CA SER A 121 9.99 6.88 32.07
C SER A 121 9.06 8.02 31.67
N THR A 122 8.08 8.28 32.53
CA THR A 122 7.07 9.28 32.23
C THR A 122 7.65 10.67 32.53
N LYS A 123 7.54 11.60 31.56
CA LYS A 123 7.93 12.99 31.79
C LYS A 123 6.79 13.93 31.41
N GLY A 124 6.30 14.70 32.40
CA GLY A 124 5.34 15.75 32.19
C GLY A 124 5.88 16.90 31.34
N PRO A 125 5.00 17.84 30.98
CA PRO A 125 5.38 18.86 29.98
C PRO A 125 5.86 20.18 30.57
N SER A 126 6.71 20.89 29.84
CA SER A 126 7.01 22.30 30.15
C SER A 126 6.21 23.17 29.18
N VAL A 127 5.26 23.93 29.71
CA VAL A 127 4.38 24.76 28.88
C VAL A 127 4.87 26.21 28.88
N PHE A 128 5.13 26.75 27.70
CA PHE A 128 5.61 28.11 27.58
C PHE A 128 4.66 28.94 26.72
N PRO A 129 4.41 30.21 27.09
CA PRO A 129 3.50 31.03 26.29
C PRO A 129 4.13 31.39 24.96
N LEU A 130 3.28 31.58 23.96
CA LEU A 130 3.65 32.11 22.66
C LEU A 130 2.88 33.41 22.53
N ALA A 131 3.48 34.51 22.99
CA ALA A 131 2.76 35.78 23.03
C ALA A 131 2.42 36.25 21.62
N PRO A 132 1.27 36.90 21.44
CA PRO A 132 0.99 37.60 20.18
C PRO A 132 1.88 38.84 20.07
N SER A 133 2.19 39.22 18.83
CA SER A 133 3.04 40.38 18.62
C SER A 133 2.67 41.08 17.30
N SER A 134 3.37 42.19 17.03
CA SER A 134 3.23 42.89 15.75
C SER A 134 3.73 42.04 14.58
N LYS A 135 4.64 41.10 14.85
CA LYS A 135 5.16 40.21 13.82
C LYS A 135 4.31 38.95 13.63
N SER A 136 3.32 38.74 14.50
CA SER A 136 2.33 37.67 14.36
C SER A 136 0.97 38.20 13.96
N THR A 137 0.91 39.41 13.40
CA THR A 137 -0.35 40.07 13.05
C THR A 137 -0.53 40.07 11.54
N SER A 138 -1.74 39.66 11.11
CA SER A 138 -2.12 39.49 9.70
C SER A 138 -3.46 40.21 9.50
N GLY A 139 -3.42 41.54 9.48
CA GLY A 139 -4.66 42.30 9.38
C GLY A 139 -5.45 42.23 10.68
N GLY A 140 -6.71 41.80 10.58
CA GLY A 140 -7.55 41.70 11.76
C GLY A 140 -7.26 40.50 12.65
N THR A 141 -6.43 39.57 12.20
CA THR A 141 -6.18 38.34 12.93
C THR A 141 -4.78 38.37 13.52
N ALA A 142 -4.69 38.02 14.81
CA ALA A 142 -3.42 37.81 15.51
C ALA A 142 -3.31 36.34 15.92
N ALA A 143 -2.11 35.81 15.83
CA ALA A 143 -1.83 34.44 16.23
C ALA A 143 -1.18 34.44 17.60
N LEU A 144 -1.71 33.64 18.51
CA LEU A 144 -1.08 33.37 19.79
C LEU A 144 -1.21 31.88 20.08
N GLY A 145 -0.33 31.38 20.93
CA GLY A 145 -0.36 29.97 21.17
C GLY A 145 0.33 29.63 22.46
N CYS A 146 0.63 28.35 22.63
CA CYS A 146 1.54 27.96 23.69
C CYS A 146 2.28 26.71 23.24
N LEU A 147 3.48 26.56 23.77
CA LEU A 147 4.41 25.53 23.37
C LEU A 147 4.54 24.51 24.50
N VAL A 148 4.29 23.26 24.18
CA VAL A 148 4.31 22.15 25.13
C VAL A 148 5.57 21.33 24.86
N LYS A 149 6.56 21.40 25.75
CA LYS A 149 7.91 21.00 25.41
C LYS A 149 8.39 19.84 26.28
N ASP A 150 9.00 18.85 25.63
CA ASP A 150 9.70 17.72 26.28
C ASP A 150 8.80 16.87 27.18
N TYR A 151 7.95 16.05 26.58
CA TYR A 151 7.11 15.12 27.34
C TYR A 151 7.22 13.74 26.73
N PHE A 152 6.65 12.75 27.43
CA PHE A 152 6.58 11.38 26.93
C PHE A 152 5.24 10.67 27.21
N GLU A 154 3.07 10.34 24.86
CA GLU A 154 2.21 11.18 24.02
C GLU A 154 0.69 10.99 24.24
N VAL A 156 -0.51 14.58 24.33
CA VAL A 156 -1.08 15.67 25.13
C VAL A 156 -2.22 16.30 24.36
N THR A 157 -3.18 16.83 25.10
CA THR A 157 -4.31 17.54 24.52
C THR A 157 -4.30 18.98 25.01
N VAL A 158 -4.83 19.89 24.18
CA VAL A 158 -4.83 21.31 24.47
C VAL A 158 -6.20 21.88 24.16
N SER A 159 -6.82 22.50 25.15
CA SER A 159 -7.97 23.36 24.93
C SER A 159 -7.56 24.81 25.20
N TRP A 160 -8.51 25.72 25.02
CA TRP A 160 -8.25 27.13 25.17
C TRP A 160 -9.40 27.76 25.93
N ASN A 161 -9.08 28.52 26.97
CA ASN A 161 -10.09 29.21 27.78
C ASN A 161 -11.15 28.21 28.26
N SER A 162 -10.68 27.02 28.68
CA SER A 162 -11.51 25.96 29.26
C SER A 162 -12.60 25.47 28.31
N GLY A 163 -12.35 25.54 27.00
CA GLY A 163 -13.31 25.10 26.01
C GLY A 163 -14.19 26.20 25.45
N ALA A 164 -14.09 27.43 25.99
CA ALA A 164 -14.85 28.55 25.44
C ALA A 164 -14.36 28.93 24.06
N LEU A 165 -13.07 28.80 23.81
CA LEU A 165 -12.45 29.22 22.56
C LEU A 165 -12.08 27.98 21.75
N THR A 166 -12.80 27.79 20.63
CA THR A 166 -12.63 26.64 19.75
C THR A 166 -12.36 27.00 18.30
N SER A 167 -12.93 28.11 17.80
CA SER A 167 -12.69 28.50 16.43
C SER A 167 -11.33 29.16 16.30
N GLY A 168 -10.61 28.79 15.26
CA GLY A 168 -9.26 29.30 15.07
C GLY A 168 -8.19 28.55 15.83
N VAL A 169 -8.53 27.45 16.49
CA VAL A 169 -7.58 26.63 17.21
C VAL A 169 -7.02 25.60 16.25
N HIS A 170 -5.71 25.47 16.24
CA HIS A 170 -4.98 24.48 15.43
C HIS A 170 -3.89 23.94 16.36
N THR A 171 -4.10 22.76 16.92
CA THR A 171 -3.05 22.10 17.70
C THR A 171 -2.26 21.21 16.77
N PHE A 172 -0.98 21.49 16.63
CA PHE A 172 -0.21 20.76 15.63
C PHE A 172 0.26 19.42 16.18
N PRO A 173 0.35 18.40 15.33
CA PRO A 173 0.96 17.14 15.77
C PRO A 173 2.40 17.35 16.20
N ALA A 174 2.83 16.52 17.13
CA ALA A 174 4.07 16.70 17.87
C ALA A 174 5.28 16.23 17.07
N VAL A 175 6.45 16.79 17.42
CA VAL A 175 7.73 16.38 16.86
C VAL A 175 8.40 15.43 17.86
N LEU A 176 9.07 14.39 17.34
CA LEU A 176 9.81 13.46 18.19
C LEU A 176 11.26 13.88 18.14
N GLN A 177 11.73 14.49 19.23
CA GLN A 177 13.09 14.98 19.30
C GLN A 177 14.08 13.83 19.38
N SER A 178 15.32 14.09 18.93
CA SER A 178 16.38 13.09 19.03
C SER A 178 16.61 12.66 20.48
N SER A 179 16.21 13.48 21.45
CA SER A 179 16.27 13.05 22.85
C SER A 179 15.29 11.93 23.15
N GLY A 180 14.29 11.72 22.30
CA GLY A 180 13.23 10.75 22.57
C GLY A 180 12.02 11.33 23.26
N LEU A 181 12.05 12.61 23.63
CA LEU A 181 10.90 13.33 24.17
C LEU A 181 10.14 14.02 23.04
N TYR A 182 8.88 14.34 23.31
CA TYR A 182 8.00 14.96 22.33
C TYR A 182 7.78 16.44 22.65
N SER A 183 7.47 17.22 21.63
CA SER A 183 7.01 18.59 21.81
C SER A 183 5.94 18.90 20.78
N LEU A 184 4.97 19.75 21.17
CA LEU A 184 3.99 20.23 20.22
C LEU A 184 3.63 21.68 20.51
N SER A 185 2.85 22.25 19.60
CA SER A 185 2.38 23.61 19.75
C SER A 185 0.92 23.67 19.38
N SER A 186 0.19 24.52 20.07
CA SER A 186 -1.17 24.88 19.72
C SER A 186 -1.23 26.40 19.53
N VAL A 187 -1.86 26.85 18.46
CA VAL A 187 -1.99 28.27 18.14
C VAL A 187 -3.46 28.56 17.86
N VAL A 188 -3.94 29.71 18.36
CA VAL A 188 -5.28 30.19 18.05
C VAL A 188 -5.17 31.57 17.41
N THR A 189 -5.99 31.81 16.39
CA THR A 189 -6.07 33.11 15.74
C THR A 189 -7.25 33.88 16.35
N VAL A 190 -6.95 35.03 16.95
CA VAL A 190 -7.99 35.84 17.58
C VAL A 190 -8.03 37.20 16.90
N PRO A 191 -9.05 38.04 17.14
CA PRO A 191 -9.06 39.37 16.53
C PRO A 191 -8.00 40.28 17.16
N SER A 192 -7.30 41.03 16.31
CA SER A 192 -6.17 41.85 16.77
C SER A 192 -6.61 42.85 17.82
N SER A 193 -7.80 43.44 17.65
CA SER A 193 -8.31 44.40 18.61
C SER A 193 -8.58 43.76 19.96
N SER A 194 -8.89 42.45 19.96
CA SER A 194 -9.28 41.74 21.17
C SER A 194 -8.18 41.68 22.22
N LEU A 195 -6.93 41.86 21.81
CA LEU A 195 -5.81 41.60 22.70
C LEU A 195 -5.77 42.62 23.84
N GLY A 196 -5.53 42.14 25.06
CA GLY A 196 -5.64 42.99 26.21
C GLY A 196 -7.07 43.31 26.61
N THR A 197 -8.05 42.99 25.78
CA THR A 197 -9.44 43.06 26.19
C THR A 197 -9.95 41.71 26.69
N GLN A 198 -9.38 40.63 26.15
CA GLN A 198 -9.73 39.24 26.42
C GLN A 198 -8.53 38.52 27.02
N THR A 199 -8.77 37.76 28.08
CA THR A 199 -7.73 36.95 28.71
C THR A 199 -7.70 35.57 28.06
N TYR A 200 -6.52 35.12 27.64
CA TYR A 200 -6.38 33.85 26.92
C TYR A 200 -5.52 32.88 27.72
N ILE A 201 -6.10 31.72 28.07
CA ILE A 201 -5.37 30.62 28.69
C ILE A 201 -5.48 29.36 27.84
N CYS A 202 -4.37 28.65 27.72
CA CYS A 202 -4.33 27.33 27.12
C CYS A 202 -4.29 26.28 28.23
N ASN A 203 -5.10 25.23 28.07
CA ASN A 203 -5.26 24.15 29.06
C ASN A 203 -4.61 22.90 28.52
N VAL A 204 -3.50 22.50 29.11
CA VAL A 204 -2.66 21.43 28.57
C VAL A 204 -2.80 20.23 29.49
N ASN A 205 -3.40 19.16 28.99
CA ASN A 205 -3.59 17.95 29.77
C ASN A 205 -2.63 16.90 29.23
N HIS A 206 -1.72 16.40 30.07
CA HIS A 206 -0.93 15.26 29.64
C HIS A 206 -1.75 13.97 29.81
N LYS A 207 -1.88 13.49 31.05
CA LYS A 207 -2.65 12.33 31.57
C LYS A 207 -1.71 11.18 31.95
N PRO A 208 -0.75 10.75 31.12
CA PRO A 208 0.23 9.79 31.61
C PRO A 208 0.90 10.24 32.90
N SER A 209 1.25 11.52 33.01
CA SER A 209 1.83 12.08 34.23
C SER A 209 0.79 12.77 35.12
N ASN A 210 -0.50 12.61 34.85
CA ASN A 210 -1.57 13.22 35.66
C ASN A 210 -1.33 14.70 35.89
N THR A 211 -0.94 15.40 34.83
CA THR A 211 -0.50 16.78 34.91
C THR A 211 -1.42 17.61 34.03
N LYS A 212 -2.07 18.62 34.61
CA LYS A 212 -2.70 19.69 33.85
C LYS A 212 -1.96 20.99 34.12
N VAL A 213 -1.81 21.82 33.09
CA VAL A 213 -1.25 23.15 33.22
C VAL A 213 -2.14 24.13 32.46
N ASP A 214 -2.55 25.20 33.13
CA ASP A 214 -3.27 26.32 32.50
C ASP A 214 -2.29 27.49 32.41
N LYS A 215 -1.78 27.74 31.21
CA LYS A 215 -0.76 28.77 31.01
C LYS A 215 -1.41 30.02 30.45
N LYS A 216 -1.33 31.11 31.22
CA LYS A 216 -1.76 32.40 30.72
C LYS A 216 -0.83 32.82 29.58
N VAL A 217 -1.40 33.48 28.57
CA VAL A 217 -0.64 33.98 27.43
C VAL A 217 -0.98 35.45 27.29
N GLU A 218 0.04 36.31 27.42
CA GLU A 218 -0.17 37.75 27.51
C GLU A 218 0.46 38.51 26.33
N ALA B 3 -6.62 -12.08 6.02
CA ALA B 3 -7.95 -12.69 5.79
C ALA B 3 -8.83 -11.82 4.88
N LEU B 4 -8.78 -10.50 5.06
CA LEU B 4 -9.45 -9.53 4.21
C LEU B 4 -8.40 -8.67 3.51
N THR B 5 -8.48 -8.56 2.19
CA THR B 5 -7.50 -7.80 1.41
C THR B 5 -8.19 -6.69 0.63
N GLN B 6 -7.66 -5.47 0.76
CA GLN B 6 -8.12 -4.21 0.19
C GLN B 6 -6.99 -3.53 -0.59
N PRO B 7 -7.31 -2.85 -1.68
CA PRO B 7 -6.29 -1.99 -2.31
C PRO B 7 -5.79 -0.94 -1.33
N ALA B 8 -4.52 -0.55 -1.47
CA ALA B 8 -3.99 0.47 -0.55
C ALA B 8 -4.63 1.82 -0.83
N SER B 9 -4.89 2.13 -2.09
CA SER B 9 -5.37 3.45 -2.46
C SER B 9 -6.35 3.37 -3.61
N VAL B 10 -7.28 4.31 -3.62
CA VAL B 10 -8.18 4.49 -4.75
C VAL B 10 -8.32 5.99 -4.96
N SER B 11 -8.58 6.37 -6.21
CA SER B 11 -8.68 7.78 -6.57
C SER B 11 -9.89 8.05 -7.44
N GLY B 12 -10.59 9.13 -7.16
CA GLY B 12 -11.73 9.52 -7.95
C GLY B 12 -11.85 11.03 -8.05
N SER B 13 -12.46 11.47 -9.11
CA SER B 13 -12.59 12.89 -9.37
C SER B 13 -13.97 13.37 -8.90
N PRO B 14 -14.16 14.65 -8.56
CA PRO B 14 -15.43 15.04 -7.95
C PRO B 14 -16.62 14.80 -8.89
N GLY B 15 -17.77 14.50 -8.28
CA GLY B 15 -19.00 14.22 -9.00
C GLY B 15 -19.18 12.80 -9.46
N GLN B 16 -18.10 12.04 -9.62
CA GLN B 16 -18.18 10.70 -10.16
C GLN B 16 -18.30 9.66 -9.05
N SER B 17 -18.23 8.39 -9.42
CA SER B 17 -18.41 7.28 -8.50
C SER B 17 -17.15 6.42 -8.46
N ILE B 18 -16.84 5.93 -7.26
CA ILE B 18 -15.67 5.09 -7.05
C ILE B 18 -16.10 3.87 -6.25
N THR B 19 -15.35 2.78 -6.42
CA THR B 19 -15.61 1.54 -5.68
C THR B 19 -14.34 1.04 -5.00
N ILE B 20 -14.49 0.56 -3.77
CA ILE B 20 -13.42 -0.07 -3.00
C ILE B 20 -13.82 -1.53 -2.76
N SER B 21 -12.96 -2.46 -3.15
CA SER B 21 -13.24 -3.88 -3.08
C SER B 21 -12.55 -4.52 -1.86
N CYS B 22 -13.17 -5.58 -1.35
CA CYS B 22 -12.73 -6.25 -0.12
C CYS B 22 -12.86 -7.74 -0.35
N THR B 23 -11.73 -8.42 -0.47
CA THR B 23 -11.70 -9.85 -0.81
C THR B 23 -11.36 -10.67 0.42
N GLY B 24 -12.17 -11.70 0.67
CA GLY B 24 -11.94 -12.62 1.77
C GLY B 24 -11.53 -13.98 1.23
N THR B 25 -10.51 -14.57 1.86
CA THR B 25 -10.09 -15.93 1.54
C THR B 25 -11.24 -16.91 1.74
N SER B 26 -11.40 -17.82 0.78
CA SER B 26 -12.59 -18.66 0.79
C SER B 26 -12.61 -19.59 2.00
N SER B 27 -11.45 -20.06 2.45
CA SER B 27 -11.39 -20.96 3.61
C SER B 27 -11.61 -20.22 4.94
N ASP B 28 -11.57 -18.89 4.94
CA ASP B 28 -11.71 -18.14 6.18
C ASP B 28 -13.12 -17.60 6.44
N VAL B 29 -13.85 -17.20 5.40
CA VAL B 29 -15.05 -16.39 5.59
C VAL B 29 -16.33 -17.17 5.34
N GLY B 30 -16.26 -18.45 4.94
CA GLY B 30 -17.48 -19.20 4.67
C GLY B 30 -18.39 -18.49 3.68
N ASP B 31 -19.70 -18.40 4.01
CA ASP B 31 -20.62 -17.71 3.09
C ASP B 31 -20.49 -16.20 3.10
N PHE B 32 -19.64 -15.62 3.96
CA PHE B 32 -19.29 -14.20 3.87
C PHE B 32 -20.56 -13.36 4.02
N ASN B 33 -21.30 -13.63 5.12
CA ASN B 33 -22.68 -13.17 5.32
C ASN B 33 -22.73 -11.73 5.79
N TYR B 34 -21.81 -11.32 6.65
CA TYR B 34 -21.85 -10.00 7.26
C TYR B 34 -20.59 -9.27 6.91
N VAL B 35 -20.72 -8.19 6.15
CA VAL B 35 -19.63 -7.29 5.83
C VAL B 35 -20.01 -5.89 6.27
N SER B 36 -19.14 -5.25 7.04
CA SER B 36 -19.31 -3.88 7.45
C SER B 36 -18.21 -3.02 6.84
N TRP B 37 -18.52 -1.75 6.57
CA TRP B 37 -17.55 -0.78 6.07
C TRP B 37 -17.41 0.38 7.04
N TYR B 38 -16.18 0.77 7.32
CA TYR B 38 -15.89 1.87 8.24
C TYR B 38 -15.18 2.99 7.50
N GLN B 39 -15.51 4.23 7.86
CA GLN B 39 -14.77 5.41 7.41
C GLN B 39 -13.99 5.95 8.60
N GLN B 40 -12.68 6.12 8.45
CA GLN B 40 -11.96 6.80 9.51
C GLN B 40 -11.12 7.95 8.95
N HIS B 41 -11.36 9.12 9.49
CA HIS B 41 -10.61 10.33 9.22
C HIS B 41 -9.36 10.34 10.09
N PRO B 42 -8.29 10.99 9.62
CA PRO B 42 -7.02 10.95 10.35
C PRO B 42 -7.21 11.23 11.84
N GLY B 43 -6.58 10.38 12.66
CA GLY B 43 -6.62 10.51 14.10
C GLY B 43 -7.99 10.41 14.75
N LYS B 44 -8.99 9.84 14.06
CA LYS B 44 -10.34 9.74 14.59
C LYS B 44 -10.83 8.29 14.56
N ALA B 45 -11.88 8.03 15.34
CA ALA B 45 -12.40 6.67 15.48
C ALA B 45 -13.08 6.22 14.19
N PRO B 46 -13.10 4.91 13.93
CA PRO B 46 -13.92 4.41 12.82
C PRO B 46 -15.40 4.80 12.97
N LYS B 47 -16.03 5.09 11.83
CA LYS B 47 -17.45 5.37 11.74
C LYS B 47 -18.12 4.40 10.77
N LEU B 48 -19.22 3.78 11.21
CA LEU B 48 -19.90 2.74 10.44
C LEU B 48 -20.67 3.35 9.28
N MET B 49 -20.34 2.96 8.05
CA MET B 49 -21.04 3.45 6.88
C MET B 49 -21.98 2.43 6.27
N ILE B 50 -21.60 1.15 6.23
CA ILE B 50 -22.42 0.07 5.69
C ILE B 50 -22.27 -1.12 6.63
N TYR B 51 -23.37 -1.80 6.90
CA TYR B 51 -23.34 -3.05 7.65
C TYR B 51 -24.19 -4.07 6.92
N ASP B 52 -23.95 -5.34 7.22
CA ASP B 52 -24.69 -6.44 6.63
C ASP B 52 -24.63 -6.36 5.11
N VAL B 53 -23.45 -5.99 4.59
CA VAL B 53 -23.13 -5.92 3.17
C VAL B 53 -23.79 -4.73 2.47
N THR B 54 -25.09 -4.49 2.69
CA THR B 54 -25.81 -3.50 1.88
C THR B 54 -26.55 -2.42 2.67
N LYS B 55 -26.57 -2.46 4.00
CA LYS B 55 -27.45 -1.57 4.76
C LYS B 55 -26.71 -0.36 5.28
N ARG B 56 -27.41 0.80 5.29
CA ARG B 56 -26.88 2.08 5.79
C ARG B 56 -27.45 2.39 7.16
N PRO B 57 -26.62 2.62 8.21
CA PRO B 57 -27.16 3.16 9.46
C PRO B 57 -27.89 4.46 9.16
N SER B 58 -28.86 4.88 9.97
CA SER B 58 -29.50 6.16 9.69
C SER B 58 -28.46 7.26 9.76
N GLY B 59 -28.66 8.30 8.97
CA GLY B 59 -27.77 9.43 9.01
C GLY B 59 -26.50 9.27 8.21
N VAL B 60 -26.37 8.18 7.45
CA VAL B 60 -25.31 8.02 6.46
C VAL B 60 -25.91 8.34 5.10
N SER B 61 -25.19 9.06 4.27
CA SER B 61 -25.81 9.51 3.02
C SER B 61 -25.98 8.37 2.04
N ASN B 62 -27.07 8.43 1.27
CA ASN B 62 -27.35 7.46 0.22
C ASN B 62 -26.27 7.40 -0.85
N ARG B 63 -25.30 8.32 -0.82
CA ARG B 63 -24.20 8.25 -1.77
C ARG B 63 -23.30 7.05 -1.49
N PHE B 64 -23.36 6.51 -0.28
CA PHE B 64 -22.60 5.32 0.10
C PHE B 64 -23.46 4.06 -0.08
N SER B 65 -22.93 3.08 -0.79
CA SER B 65 -23.65 1.82 -0.95
C SER B 65 -22.67 0.66 -0.91
N GLY B 66 -23.18 -0.50 -0.46
CA GLY B 66 -22.38 -1.70 -0.42
C GLY B 66 -23.08 -2.86 -1.11
N SER B 67 -22.27 -3.76 -1.65
CA SER B 67 -22.76 -4.95 -2.33
C SER B 67 -21.71 -6.04 -2.19
N LYS B 68 -22.01 -7.21 -2.76
CA LYS B 68 -21.16 -8.38 -2.62
C LYS B 68 -21.30 -9.20 -3.89
N SER B 69 -20.24 -9.93 -4.23
CA SER B 69 -20.34 -10.95 -5.28
C SER B 69 -19.29 -12.02 -4.99
N GLY B 70 -19.73 -13.25 -4.80
CA GLY B 70 -18.82 -14.27 -4.35
C GLY B 70 -18.15 -13.79 -3.08
N ASN B 71 -16.82 -13.91 -3.03
CA ASN B 71 -16.08 -13.52 -1.83
C ASN B 71 -15.49 -12.12 -1.92
N THR B 72 -16.07 -11.26 -2.75
CA THR B 72 -15.63 -9.87 -2.86
C THR B 72 -16.79 -8.93 -2.57
N ALA B 73 -16.69 -8.20 -1.45
CA ALA B 73 -17.64 -7.13 -1.16
C ALA B 73 -17.11 -5.80 -1.70
N SER B 74 -18.04 -4.89 -1.97
CA SER B 74 -17.67 -3.61 -2.57
C SER B 74 -18.39 -2.48 -1.85
N LEU B 75 -17.63 -1.48 -1.45
CA LEU B 75 -18.19 -0.20 -1.04
C LEU B 75 -18.15 0.70 -2.25
N THR B 76 -19.29 1.26 -2.60
CA THR B 76 -19.37 2.22 -3.69
C THR B 76 -19.77 3.58 -3.15
N ILE B 77 -19.06 4.60 -3.60
CA ILE B 77 -19.35 5.99 -3.27
C ILE B 77 -19.68 6.72 -4.57
N SER B 78 -20.86 7.32 -4.63
CA SER B 78 -21.28 8.12 -5.77
C SER B 78 -21.19 9.60 -5.45
N GLY B 79 -21.15 10.41 -6.51
CA GLY B 79 -21.11 11.86 -6.39
C GLY B 79 -20.01 12.34 -5.48
N LEU B 80 -18.77 11.90 -5.76
CA LEU B 80 -17.64 12.15 -4.89
C LEU B 80 -17.51 13.61 -4.48
N GLN B 81 -17.36 13.82 -3.17
CA GLN B 81 -17.09 15.12 -2.56
C GLN B 81 -15.72 15.10 -1.92
N ALA B 82 -15.11 16.27 -1.78
CA ALA B 82 -13.81 16.32 -1.12
C ALA B 82 -13.92 15.86 0.33
N GLU B 83 -15.05 16.14 0.97
CA GLU B 83 -15.27 15.82 2.38
C GLU B 83 -15.06 14.34 2.68
N ASP B 84 -15.19 13.45 1.72
CA ASP B 84 -15.12 12.03 2.04
C ASP B 84 -13.75 11.42 1.70
N GLU B 85 -12.69 12.23 1.58
CA GLU B 85 -11.36 11.62 1.69
C GLU B 85 -11.16 11.09 3.09
N ALA B 86 -10.63 9.87 3.19
CA ALA B 86 -10.56 9.14 4.44
C ALA B 86 -9.94 7.79 4.16
N ASP B 87 -9.71 6.96 5.17
CA ASP B 87 -9.43 5.57 4.86
C ASP B 87 -10.71 4.76 5.06
N TYR B 88 -11.01 3.88 4.11
CA TYR B 88 -12.18 3.01 4.21
C TYR B 88 -11.71 1.59 4.47
N CYS B 89 -12.27 1.01 5.53
CA CYS B 89 -11.86 -0.28 6.04
C CYS B 89 -13.09 -1.19 6.07
N CYS B 90 -12.92 -2.42 5.55
CA CYS B 90 -13.95 -3.44 5.66
C CYS B 90 -13.68 -4.35 6.84
N SER B 91 -14.74 -4.98 7.33
CA SER B 91 -14.71 -5.92 8.44
C SER B 91 -15.66 -7.07 8.13
N SER B 92 -15.30 -8.27 8.60
CA SER B 92 -16.14 -9.47 8.42
C SER B 92 -15.76 -10.48 9.51
N TYR B 93 -16.41 -11.64 9.48
CA TYR B 93 -16.11 -12.74 10.40
C TYR B 93 -15.29 -13.83 9.73
N THR B 94 -14.46 -14.47 10.52
CA THR B 94 -13.92 -15.79 10.25
C THR B 94 -14.56 -16.74 11.27
N THR B 95 -14.25 -18.04 11.17
CA THR B 95 -14.87 -18.97 12.10
C THR B 95 -14.39 -18.76 13.53
N SER B 96 -13.31 -18.02 13.73
CA SER B 96 -12.78 -17.81 15.07
C SER B 96 -12.72 -16.35 15.50
N SER B 97 -12.80 -15.40 14.58
CA SER B 97 -12.49 -14.04 14.99
C SER B 97 -13.30 -13.05 14.15
N ILE B 98 -13.07 -11.78 14.46
CA ILE B 98 -13.48 -10.67 13.63
C ILE B 98 -12.24 -10.24 12.88
N SER B 99 -12.38 -10.01 11.58
CA SER B 99 -11.25 -9.66 10.73
C SER B 99 -11.49 -8.29 10.08
N PHE B 100 -10.40 -7.59 9.77
CA PHE B 100 -10.47 -6.25 9.19
C PHE B 100 -9.68 -6.10 7.87
N GLY B 101 -8.44 -6.53 7.85
CA GLY B 101 -7.70 -6.11 6.66
C GLY B 101 -7.45 -4.61 6.49
N GLY B 102 -6.42 -4.27 5.71
CA GLY B 102 -5.86 -2.93 5.78
C GLY B 102 -6.76 -1.91 5.12
N GLY B 103 -6.51 -0.66 5.40
CA GLY B 103 -7.38 0.34 4.82
C GLY B 103 -7.20 0.52 3.32
N THR B 104 -8.09 1.34 2.78
CA THR B 104 -7.96 1.96 1.47
C THR B 104 -8.02 3.46 1.66
N LYS B 105 -6.92 4.17 1.38
CA LYS B 105 -7.00 5.63 1.38
C LYS B 105 -7.65 6.11 0.09
N LEU B 106 -8.71 6.90 0.26
CA LEU B 106 -9.39 7.48 -0.88
C LEU B 106 -8.95 8.92 -1.07
N THR B 107 -8.43 9.24 -2.25
CA THR B 107 -8.01 10.60 -2.56
C THR B 107 -8.94 11.19 -3.62
N VAL B 108 -9.63 12.27 -3.26
CA VAL B 108 -10.44 13.00 -4.23
C VAL B 108 -9.51 13.91 -5.02
N LEU B 109 -9.55 13.78 -6.35
CA LEU B 109 -8.60 14.54 -7.21
C LEU B 109 -9.11 15.94 -7.57
N GLY B 110 -8.27 16.71 -8.26
CA GLY B 110 -8.68 18.04 -8.74
C GLY B 110 -8.61 19.09 -7.67
N GLN B 111 -8.06 18.76 -6.52
CA GLN B 111 -8.09 19.73 -5.40
C GLN B 111 -7.16 20.89 -5.70
N PRO B 112 -7.58 22.13 -5.39
CA PRO B 112 -6.77 23.29 -5.70
C PRO B 112 -5.43 23.31 -4.97
N LYS B 113 -4.35 23.67 -5.67
CA LYS B 113 -3.03 23.81 -5.02
C LYS B 113 -3.10 25.00 -4.06
N ALA B 114 -2.32 24.98 -2.98
CA ALA B 114 -2.45 26.01 -1.95
C ALA B 114 -1.08 26.29 -1.33
N ALA B 115 -0.74 27.61 -1.21
CA ALA B 115 0.55 27.99 -0.66
C ALA B 115 0.49 27.96 0.86
N PRO B 116 1.60 27.61 1.51
CA PRO B 116 1.60 27.50 2.97
C PRO B 116 1.44 28.84 3.66
N SER B 117 0.79 28.77 4.81
CA SER B 117 0.66 29.87 5.73
C SER B 117 1.61 29.62 6.90
N VAL B 118 2.55 30.54 7.10
CA VAL B 118 3.65 30.36 8.05
C VAL B 118 3.56 31.41 9.15
N THR B 119 3.49 30.96 10.40
CA THR B 119 3.69 31.84 11.56
C THR B 119 4.92 31.34 12.32
N LEU B 120 5.82 32.26 12.68
CA LEU B 120 7.06 31.98 13.38
C LEU B 120 7.06 32.69 14.73
N PHE B 121 7.33 31.94 15.78
CA PHE B 121 7.29 32.51 17.11
C PHE B 121 8.69 32.53 17.70
N PRO B 122 9.07 33.65 18.33
CA PRO B 122 10.38 33.73 18.98
C PRO B 122 10.38 32.93 20.28
N PRO B 123 11.54 32.76 20.94
CA PRO B 123 11.54 32.05 22.22
C PRO B 123 10.78 32.89 23.22
N SER B 124 10.03 32.25 24.11
CA SER B 124 9.36 33.04 25.13
C SER B 124 10.39 33.59 26.10
N SER B 125 10.03 34.68 26.77
CA SER B 125 10.92 35.18 27.83
C SER B 125 10.99 34.18 28.97
N GLU B 126 9.86 33.52 29.28
CA GLU B 126 9.83 32.52 30.34
C GLU B 126 10.73 31.31 30.00
N GLU B 127 10.78 30.89 28.74
CA GLU B 127 11.71 29.81 28.39
C GLU B 127 13.15 30.29 28.43
N LEU B 128 13.38 31.55 28.05
CA LEU B 128 14.72 32.13 28.11
C LEU B 128 15.23 32.20 29.54
N GLN B 129 14.36 32.54 30.52
CA GLN B 129 14.77 32.48 31.93
C GLN B 129 15.39 31.13 32.26
N ALA B 130 14.77 30.05 31.80
CA ALA B 130 15.22 28.68 32.07
C ALA B 130 16.40 28.24 31.19
N ASN B 131 17.17 29.18 30.66
CA ASN B 131 18.41 28.90 29.93
C ASN B 131 18.18 28.03 28.69
N LYS B 132 16.94 27.93 28.20
CA LYS B 132 16.70 27.27 26.93
C LYS B 132 15.98 28.24 26.00
N ALA B 133 16.04 27.96 24.71
CA ALA B 133 15.38 28.79 23.71
C ALA B 133 14.95 27.93 22.52
N THR B 134 13.71 28.12 22.08
CA THR B 134 13.14 27.36 20.98
C THR B 134 12.44 28.31 20.02
N LEU B 135 12.72 28.21 18.73
CA LEU B 135 11.90 28.91 17.75
C LEU B 135 10.89 27.93 17.15
N VAL B 136 9.69 28.43 16.91
CA VAL B 136 8.53 27.62 16.53
C VAL B 136 8.02 28.12 15.20
N CYS B 137 8.17 27.32 14.15
CA CYS B 137 7.68 27.63 12.82
C CYS B 137 6.50 26.72 12.52
N LEU B 138 5.30 27.27 12.51
CA LEU B 138 4.07 26.53 12.25
C LEU B 138 3.63 26.74 10.80
N ILE B 139 3.54 25.65 10.03
CA ILE B 139 3.12 25.70 8.63
C ILE B 139 1.74 25.06 8.48
N SER B 140 0.89 25.67 7.66
CA SER B 140 -0.48 25.17 7.60
C SER B 140 -1.13 25.57 6.27
N ASP B 141 -2.19 24.83 5.92
CA ASP B 141 -3.08 25.10 4.78
C ASP B 141 -2.36 25.03 3.43
N PHE B 142 -1.41 24.13 3.27
CA PHE B 142 -0.89 23.86 1.94
C PHE B 142 -1.51 22.56 1.40
N TYR B 143 -1.88 22.55 0.10
CA TYR B 143 -2.63 21.37 -0.32
C TYR B 143 -1.74 20.27 -0.89
N PRO B 144 -0.84 20.54 -1.83
CA PRO B 144 0.11 19.47 -2.18
C PRO B 144 0.94 19.17 -0.94
N GLY B 145 0.78 17.96 -0.42
CA GLY B 145 1.16 17.67 0.96
C GLY B 145 2.63 17.49 1.29
N ALA B 146 3.51 18.21 0.60
CA ALA B 146 4.92 18.21 0.97
C ALA B 146 5.44 19.65 1.00
N VAL B 147 6.28 19.94 1.99
CA VAL B 147 7.03 21.18 2.09
C VAL B 147 8.47 20.82 2.38
N THR B 148 9.34 21.80 2.18
CA THR B 148 10.72 21.73 2.63
C THR B 148 10.96 22.95 3.51
N VAL B 149 11.67 22.76 4.62
CA VAL B 149 11.83 23.81 5.63
C VAL B 149 13.31 24.04 5.84
N ALA B 150 13.74 25.30 5.76
CA ALA B 150 15.13 25.66 5.90
C ALA B 150 15.26 26.78 6.93
N TRP B 151 16.17 26.63 7.87
CA TRP B 151 16.39 27.62 8.90
C TRP B 151 17.68 28.36 8.62
N LYS B 152 17.77 29.60 9.07
CA LYS B 152 19.03 30.29 8.90
C LYS B 152 19.17 31.40 9.92
N ALA B 153 20.37 31.51 10.47
CA ALA B 153 20.72 32.55 11.42
C ALA B 153 21.39 33.68 10.66
N ASP B 154 20.87 34.89 10.84
CA ASP B 154 21.19 36.02 9.97
C ASP B 154 20.99 35.58 8.52
N SER B 155 22.07 35.30 7.79
CA SER B 155 21.95 34.78 6.43
C SER B 155 22.59 33.41 6.25
N SER B 156 23.18 32.85 7.30
CA SER B 156 23.93 31.60 7.27
C SER B 156 22.98 30.42 7.50
N PRO B 157 23.00 29.40 6.63
CA PRO B 157 22.10 28.25 6.84
C PRO B 157 22.44 27.51 8.13
N VAL B 158 21.38 27.16 8.87
CA VAL B 158 21.50 26.41 10.12
C VAL B 158 20.87 25.04 9.92
N LYS B 159 21.60 24.01 10.29
CA LYS B 159 21.13 22.65 10.14
C LYS B 159 21.06 21.91 11.47
N ALA B 160 21.55 22.51 12.56
CA ALA B 160 21.71 21.89 13.86
C ALA B 160 20.65 22.41 14.82
N GLY B 161 20.02 21.49 15.54
CA GLY B 161 18.91 21.86 16.41
C GLY B 161 17.59 22.03 15.71
N VAL B 162 17.52 21.69 14.42
CA VAL B 162 16.27 21.73 13.65
C VAL B 162 15.66 20.35 13.66
N GLU B 163 14.40 20.26 14.10
CA GLU B 163 13.61 19.04 14.02
C GLU B 163 12.24 19.38 13.46
N THR B 164 11.89 18.73 12.34
CA THR B 164 10.69 19.06 11.56
C THR B 164 9.74 17.87 11.51
N THR B 165 8.46 18.10 11.79
CA THR B 165 7.48 17.03 11.67
C THR B 165 7.27 16.66 10.21
N THR B 166 6.83 15.42 10.00
CA THR B 166 6.29 15.05 8.72
C THR B 166 4.94 15.73 8.54
N PRO B 167 4.49 15.88 7.29
CA PRO B 167 3.19 16.54 7.07
C PRO B 167 2.03 15.71 7.57
N SER B 168 0.97 16.40 7.95
CA SER B 168 -0.22 15.74 8.43
C SER B 168 -1.43 16.44 7.83
N LYS B 169 -2.48 15.67 7.58
CA LYS B 169 -3.66 16.13 6.86
C LYS B 169 -4.65 16.74 7.85
N GLN B 170 -5.19 17.90 7.47
CA GLN B 170 -6.10 18.67 8.31
C GLN B 170 -7.55 18.41 7.92
N SER B 171 -8.47 18.92 8.75
CA SER B 171 -9.91 18.80 8.49
C SER B 171 -10.28 19.25 7.10
N ASN B 172 -9.70 20.37 6.64
CA ASN B 172 -10.01 20.90 5.31
C ASN B 172 -9.21 20.25 4.20
N ASN B 173 -8.66 19.05 4.44
CA ASN B 173 -7.91 18.28 3.45
C ASN B 173 -6.62 18.95 2.98
N LYS B 174 -6.31 20.12 3.52
CA LYS B 174 -4.96 20.64 3.35
C LYS B 174 -4.05 20.01 4.41
N TYR B 175 -2.77 20.35 4.38
CA TYR B 175 -1.76 19.71 5.21
C TYR B 175 -1.08 20.71 6.14
N ALA B 176 -0.47 20.19 7.20
CA ALA B 176 0.16 21.03 8.19
C ALA B 176 1.48 20.40 8.60
N ALA B 177 2.41 21.24 9.06
CA ALA B 177 3.65 20.75 9.64
C ALA B 177 4.17 21.79 10.61
N SER B 178 5.24 21.42 11.29
CA SER B 178 5.82 22.31 12.28
C SER B 178 7.31 22.03 12.34
N SER B 179 8.09 23.07 12.55
CA SER B 179 9.54 22.93 12.59
C SER B 179 10.08 23.74 13.76
N TYR B 180 10.92 23.11 14.57
CA TYR B 180 11.45 23.70 15.80
C TYR B 180 12.96 23.84 15.70
N LEU B 181 13.47 24.99 16.09
CA LEU B 181 14.92 25.24 16.16
C LEU B 181 15.28 25.54 17.61
N SER B 182 16.16 24.73 18.18
CA SER B 182 16.48 24.85 19.58
C SER B 182 17.91 25.41 19.69
N LEU B 183 18.12 26.31 20.64
CA LEU B 183 19.39 27.00 20.74
C LEU B 183 19.51 27.62 22.12
N THR B 184 20.76 28.00 22.50
CA THR B 184 20.97 28.53 23.84
C THR B 184 20.57 30.00 23.86
N PRO B 185 20.11 30.53 25.00
CA PRO B 185 19.71 31.94 25.03
C PRO B 185 20.77 32.87 24.49
N GLU B 186 22.05 32.59 24.78
CA GLU B 186 23.11 33.46 24.32
C GLU B 186 23.32 33.35 22.81
N GLN B 187 23.10 32.17 22.22
CA GLN B 187 23.07 32.10 20.76
C GLN B 187 21.94 32.93 20.18
N TRP B 188 20.83 33.09 20.91
CA TRP B 188 19.70 33.85 20.34
C TRP B 188 20.00 35.33 20.43
N LYS B 189 20.55 35.79 21.56
CA LYS B 189 20.92 37.22 21.72
C LYS B 189 22.00 37.54 20.68
N SER B 190 22.93 36.61 20.47
CA SER B 190 23.92 36.78 19.39
C SER B 190 23.13 36.68 18.09
N HIS B 191 23.62 37.16 16.95
CA HIS B 191 22.82 37.15 15.68
C HIS B 191 21.69 38.18 15.69
N ARG B 192 21.58 38.95 14.61
CA ARG B 192 20.50 39.96 14.47
C ARG B 192 19.15 39.28 14.25
N SER B 193 19.11 38.22 13.43
CA SER B 193 17.79 37.63 13.08
C SER B 193 17.85 36.14 12.74
N TYR B 194 16.77 35.42 13.04
CA TYR B 194 16.61 34.03 12.65
C TYR B 194 15.40 33.92 11.74
N SER B 195 15.50 33.03 10.75
CA SER B 195 14.46 32.92 9.75
C SER B 195 14.07 31.47 9.55
N CYS B 196 12.82 31.29 9.15
CA CYS B 196 12.28 30.00 8.75
C CYS B 196 11.78 30.13 7.31
N GLN B 197 12.34 29.31 6.42
CA GLN B 197 12.00 29.29 5.00
C GLN B 197 11.22 28.04 4.62
N VAL B 198 9.97 28.21 4.24
CA VAL B 198 9.14 27.09 3.80
C VAL B 198 9.04 27.13 2.28
N THR B 199 9.54 26.09 1.63
CA THR B 199 9.47 25.92 0.18
C THR B 199 8.38 24.92 -0.18
N HIS B 200 7.51 25.34 -1.09
CA HIS B 200 6.38 24.54 -1.51
C HIS B 200 6.22 24.76 -3.00
N GLU B 201 6.46 23.72 -3.79
CA GLU B 201 6.08 23.75 -5.20
C GLU B 201 6.99 24.76 -5.92
N GLY B 202 8.23 24.88 -5.42
CA GLY B 202 9.24 25.77 -5.94
C GLY B 202 9.18 27.20 -5.46
N SER B 203 8.15 27.57 -4.71
CA SER B 203 7.99 28.91 -4.18
C SER B 203 8.15 28.90 -2.68
N THR B 204 8.75 29.95 -2.14
CA THR B 204 9.23 29.96 -0.77
C THR B 204 8.52 31.07 0.01
N VAL B 205 7.90 30.69 1.13
CA VAL B 205 7.37 31.64 2.11
C VAL B 205 8.32 31.69 3.30
N GLU B 206 8.87 32.87 3.58
CA GLU B 206 9.90 33.01 4.61
C GLU B 206 9.50 34.04 5.66
N LYS B 207 9.79 33.71 6.92
CA LYS B 207 9.47 34.57 8.04
C LYS B 207 10.69 34.66 8.93
N THR B 208 10.93 35.84 9.45
CA THR B 208 12.11 36.15 10.23
C THR B 208 11.67 36.66 11.59
N VAL B 209 12.46 36.35 12.61
CA VAL B 209 12.14 36.83 13.95
C VAL B 209 13.43 37.41 14.54
N ALA B 210 13.28 38.28 15.54
CA ALA B 210 14.42 39.04 16.01
C ALA B 210 14.38 39.27 17.52
N PRO B 211 15.51 39.14 18.20
CA PRO B 211 15.67 39.59 19.59
C PRO B 211 15.54 41.11 19.73
N THR C 42 -61.63 -10.03 26.48
CA THR C 42 -61.18 -8.71 26.04
C THR C 42 -59.64 -8.60 25.90
N ASN C 43 -58.85 -9.24 26.77
CA ASN C 43 -57.39 -9.10 26.64
C ASN C 43 -56.90 -9.70 25.32
N LEU C 44 -55.93 -9.04 24.69
CA LEU C 44 -55.37 -9.53 23.44
C LEU C 44 -54.36 -10.64 23.76
N CYS C 45 -54.34 -11.70 22.95
CA CYS C 45 -53.45 -12.81 23.26
C CYS C 45 -51.99 -12.35 23.15
N PRO C 46 -51.18 -12.59 24.17
CA PRO C 46 -49.82 -12.01 24.27
C PRO C 46 -48.81 -12.76 23.41
N PHE C 47 -49.04 -12.80 22.10
CA PHE C 47 -48.10 -13.51 21.25
C PHE C 47 -46.71 -12.89 21.28
N GLY C 48 -46.60 -11.61 21.64
CA GLY C 48 -45.30 -10.98 21.70
C GLY C 48 -44.37 -11.62 22.71
N GLU C 49 -44.92 -12.04 23.86
CA GLU C 49 -44.09 -12.78 24.81
C GLU C 49 -43.53 -14.08 24.22
N VAL C 50 -44.16 -14.62 23.18
CA VAL C 50 -43.69 -15.85 22.56
C VAL C 50 -42.69 -15.51 21.46
N PHE C 51 -43.16 -14.79 20.44
CA PHE C 51 -42.33 -14.53 19.27
C PHE C 51 -41.20 -13.56 19.56
N ASN C 52 -41.33 -12.70 20.57
CA ASN C 52 -40.34 -11.66 20.83
C ASN C 52 -39.63 -11.89 22.16
N ALA C 53 -39.69 -13.09 22.72
CA ALA C 53 -39.06 -13.34 24.00
C ALA C 53 -37.55 -13.13 23.89
N THR C 54 -36.92 -12.75 25.02
CA THR C 54 -35.50 -12.39 25.07
C THR C 54 -34.59 -13.61 25.08
N ARG C 55 -35.09 -14.75 25.56
CA ARG C 55 -34.40 -16.02 25.38
C ARG C 55 -35.36 -17.05 24.80
N PHE C 56 -34.84 -17.86 23.87
CA PHE C 56 -35.48 -19.08 23.41
C PHE C 56 -34.76 -20.31 23.98
N ALA C 57 -35.53 -21.38 24.16
CA ALA C 57 -34.99 -22.61 24.70
C ALA C 57 -34.17 -23.39 23.66
N SER C 58 -33.25 -24.22 24.16
CA SER C 58 -32.77 -25.35 23.36
C SER C 58 -33.93 -26.29 23.04
N VAL C 59 -33.84 -26.94 21.87
CA VAL C 59 -34.93 -27.78 21.37
C VAL C 59 -35.16 -29.01 22.25
N TYR C 60 -34.11 -29.58 22.84
CA TYR C 60 -34.35 -30.72 23.73
C TYR C 60 -35.05 -30.29 25.01
N ALA C 61 -34.90 -29.02 25.41
CA ALA C 61 -35.62 -28.47 26.55
C ALA C 61 -36.68 -27.47 26.09
N TRP C 62 -37.46 -27.83 25.07
CA TRP C 62 -38.32 -26.86 24.44
C TRP C 62 -39.33 -26.31 25.43
N ASN C 63 -39.63 -25.03 25.27
CA ASN C 63 -40.55 -24.26 26.10
C ASN C 63 -41.99 -24.40 25.60
N ARG C 64 -42.94 -24.38 26.54
CA ARG C 64 -44.35 -24.38 26.21
C ARG C 64 -45.03 -23.21 26.91
N LYS C 65 -45.73 -22.39 26.14
CA LYS C 65 -46.52 -21.28 26.67
C LYS C 65 -47.98 -21.67 26.50
N ARG C 66 -48.76 -21.56 27.57
CA ARG C 66 -50.20 -21.77 27.46
C ARG C 66 -50.87 -20.43 27.23
N ILE C 67 -51.75 -20.38 26.23
CA ILE C 67 -52.44 -19.16 25.81
C ILE C 67 -53.92 -19.36 26.10
N SER C 68 -54.49 -18.49 26.94
CA SER C 68 -55.83 -18.69 27.46
C SER C 68 -56.54 -17.36 27.64
N ASN C 69 -57.87 -17.40 27.50
CA ASN C 69 -58.74 -16.30 27.93
C ASN C 69 -58.36 -14.96 27.26
N CYS C 70 -58.38 -14.97 25.92
CA CYS C 70 -57.95 -13.79 25.19
C CYS C 70 -58.44 -13.89 23.75
N VAL C 71 -58.25 -12.80 23.02
CA VAL C 71 -58.57 -12.73 21.60
C VAL C 71 -57.27 -12.67 20.81
N ALA C 72 -57.16 -13.54 19.82
CA ALA C 72 -55.96 -13.66 19.01
C ALA C 72 -56.29 -13.29 17.57
N ASP C 73 -55.57 -12.33 17.00
CA ASP C 73 -55.65 -12.06 15.57
C ASP C 73 -54.46 -12.76 14.91
N TYR C 74 -54.76 -13.88 14.24
CA TYR C 74 -53.72 -14.69 13.64
C TYR C 74 -53.24 -14.13 12.32
N SER C 75 -54.07 -13.36 11.62
CA SER C 75 -53.67 -12.76 10.34
C SER C 75 -52.54 -11.76 10.53
N VAL C 76 -52.61 -10.96 11.60
CA VAL C 76 -51.53 -10.02 11.92
C VAL C 76 -50.17 -10.71 11.82
N LEU C 77 -50.09 -11.95 12.32
CA LEU C 77 -48.86 -12.73 12.21
C LEU C 77 -48.67 -13.28 10.79
N TYR C 78 -49.75 -13.80 10.19
CA TYR C 78 -49.64 -14.49 8.91
C TYR C 78 -49.16 -13.58 7.79
N ASN C 79 -49.38 -12.28 7.91
CA ASN C 79 -49.09 -11.33 6.83
C ASN C 79 -47.93 -10.38 7.17
N SER C 80 -47.10 -10.72 8.17
CA SER C 80 -45.98 -9.83 8.53
C SER C 80 -44.81 -9.94 7.54
N ALA C 81 -44.71 -11.07 6.84
CA ALA C 81 -43.65 -11.38 5.89
C ALA C 81 -42.26 -11.50 6.54
N SER C 82 -42.18 -11.63 7.86
CA SER C 82 -40.92 -11.87 8.54
C SER C 82 -40.68 -13.34 8.87
N PHE C 83 -41.52 -14.23 8.35
CA PHE C 83 -41.46 -15.65 8.66
C PHE C 83 -41.10 -16.44 7.40
N SER C 84 -39.97 -17.16 7.45
CA SER C 84 -39.60 -18.01 6.33
C SER C 84 -40.42 -19.30 6.28
N THR C 85 -41.04 -19.70 7.38
CA THR C 85 -41.98 -20.82 7.44
C THR C 85 -43.25 -20.36 8.15
N PHE C 86 -44.42 -20.69 7.57
CA PHE C 86 -45.71 -20.46 8.24
C PHE C 86 -46.66 -21.47 7.59
N LYS C 87 -46.54 -22.71 8.04
CA LYS C 87 -47.28 -23.82 7.46
C LYS C 87 -48.31 -24.31 8.47
N CYS C 88 -49.59 -24.23 8.12
CA CYS C 88 -50.67 -24.63 9.01
C CYS C 88 -51.22 -25.98 8.59
N TYR C 89 -51.40 -26.89 9.54
CA TYR C 89 -51.89 -28.24 9.29
C TYR C 89 -53.27 -28.42 9.92
N GLY C 90 -54.23 -28.83 9.10
CA GLY C 90 -55.56 -29.12 9.59
C GLY C 90 -56.43 -27.90 9.77
N VAL C 91 -56.05 -26.76 9.22
CA VAL C 91 -56.79 -25.51 9.36
C VAL C 91 -56.13 -24.43 8.50
N SER C 92 -56.91 -23.45 8.06
CA SER C 92 -56.39 -22.31 7.30
C SER C 92 -56.20 -21.10 8.21
N PRO C 93 -55.14 -20.32 8.01
CA PRO C 93 -54.90 -19.16 8.89
C PRO C 93 -55.92 -18.04 8.72
N THR C 94 -56.58 -17.95 7.56
CA THR C 94 -57.66 -16.99 7.41
C THR C 94 -58.86 -17.41 8.25
N LYS C 95 -59.28 -18.66 8.12
CA LYS C 95 -60.42 -19.17 8.89
C LYS C 95 -60.14 -19.17 10.38
N LEU C 96 -58.87 -19.05 10.77
CA LEU C 96 -58.52 -19.22 12.18
C LEU C 96 -59.01 -18.06 13.03
N ASN C 97 -59.08 -16.84 12.46
CA ASN C 97 -59.68 -15.73 13.19
C ASN C 97 -61.18 -15.88 13.39
N ASP C 98 -61.83 -16.78 12.67
CA ASP C 98 -63.25 -17.04 12.86
C ASP C 98 -63.52 -18.12 13.90
N LEU C 99 -62.49 -18.69 14.53
CA LEU C 99 -62.68 -19.90 15.32
C LEU C 99 -62.38 -19.67 16.80
N CYS C 100 -62.93 -20.53 17.64
CA CYS C 100 -62.64 -20.51 19.07
C CYS C 100 -62.04 -21.85 19.48
N PHE C 101 -61.13 -21.79 20.44
CA PHE C 101 -60.48 -22.99 20.96
C PHE C 101 -60.45 -22.89 22.47
N THR C 102 -60.29 -24.04 23.11
CA THR C 102 -60.29 -24.03 24.57
C THR C 102 -58.94 -23.59 25.13
N ASN C 103 -57.84 -24.04 24.53
CA ASN C 103 -56.51 -23.56 24.85
C ASN C 103 -55.68 -23.57 23.57
N VAL C 104 -54.68 -22.71 23.56
CA VAL C 104 -53.68 -22.68 22.51
C VAL C 104 -52.33 -22.86 23.19
N TYR C 105 -51.57 -23.84 22.73
CA TYR C 105 -50.21 -24.03 23.22
C TYR C 105 -49.22 -23.48 22.21
N ALA C 106 -48.20 -22.81 22.71
CA ALA C 106 -47.18 -22.21 21.86
C ALA C 106 -45.85 -22.78 22.33
N ASP C 107 -45.28 -23.68 21.54
CA ASP C 107 -44.01 -24.33 21.83
C ASP C 107 -42.91 -23.64 21.00
N SER C 108 -41.81 -23.27 21.65
CA SER C 108 -40.76 -22.54 20.93
C SER C 108 -39.38 -23.07 21.28
N PHE C 109 -38.47 -23.00 20.33
CA PHE C 109 -37.11 -23.50 20.50
C PHE C 109 -36.26 -23.04 19.32
N VAL C 110 -34.99 -23.38 19.35
CA VAL C 110 -34.11 -23.10 18.22
C VAL C 110 -33.55 -24.41 17.70
N ILE C 111 -33.52 -24.53 16.36
CA ILE C 111 -32.90 -25.62 15.64
C ILE C 111 -32.10 -25.00 14.49
N ARG C 112 -31.39 -25.84 13.75
CA ARG C 112 -30.70 -25.39 12.54
C ARG C 112 -31.65 -25.47 11.34
N GLY C 113 -31.36 -24.69 10.30
CA GLY C 113 -32.31 -24.52 9.20
C GLY C 113 -32.64 -25.81 8.47
N ASP C 114 -31.65 -26.68 8.30
CA ASP C 114 -31.83 -28.04 7.78
C ASP C 114 -32.97 -28.79 8.44
N GLU C 115 -33.25 -28.51 9.71
CA GLU C 115 -34.14 -29.35 10.51
C GLU C 115 -35.54 -28.78 10.63
N VAL C 116 -35.80 -27.59 10.07
CA VAL C 116 -37.15 -27.03 10.12
C VAL C 116 -38.16 -27.99 9.49
N ARG C 117 -37.77 -28.65 8.39
CA ARG C 117 -38.63 -29.65 7.75
C ARG C 117 -39.02 -30.77 8.68
N GLN C 118 -38.27 -31.01 9.76
CA GLN C 118 -38.68 -32.06 10.70
C GLN C 118 -39.79 -31.61 11.65
N ILE C 119 -40.07 -30.30 11.73
CA ILE C 119 -41.16 -29.84 12.58
C ILE C 119 -42.46 -29.93 11.78
N ALA C 120 -42.93 -31.16 11.56
CA ALA C 120 -44.09 -31.39 10.70
C ALA C 120 -44.66 -32.75 11.06
N PRO C 121 -45.96 -32.96 10.89
CA PRO C 121 -46.53 -34.28 11.15
C PRO C 121 -45.89 -35.32 10.23
N GLY C 122 -45.42 -36.41 10.82
CA GLY C 122 -45.01 -37.56 10.06
C GLY C 122 -43.53 -37.70 9.78
N GLN C 123 -42.68 -36.93 10.44
CA GLN C 123 -41.27 -36.87 10.08
C GLN C 123 -40.41 -37.68 11.04
N THR C 124 -39.23 -38.09 10.55
CA THR C 124 -38.20 -38.70 11.38
C THR C 124 -36.92 -37.87 11.28
N GLY C 125 -35.96 -38.18 12.16
CA GLY C 125 -34.72 -37.43 12.22
C GLY C 125 -34.27 -37.16 13.64
N ASN C 126 -33.09 -36.56 13.80
CA ASN C 126 -32.59 -36.26 15.15
C ASN C 126 -33.58 -35.41 15.94
N ILE C 127 -34.21 -34.43 15.30
CA ILE C 127 -35.10 -33.54 16.05
C ILE C 127 -36.46 -34.20 16.27
N ALA C 128 -37.05 -34.74 15.21
CA ALA C 128 -38.36 -35.38 15.33
C ALA C 128 -38.33 -36.56 16.31
N ASP C 129 -37.36 -37.46 16.14
CA ASP C 129 -37.30 -38.66 16.98
C ASP C 129 -36.89 -38.36 18.41
N TYR C 130 -35.94 -37.43 18.63
CA TYR C 130 -35.28 -37.30 19.93
C TYR C 130 -35.45 -35.96 20.64
N ASN C 131 -36.04 -34.94 20.00
CA ASN C 131 -36.16 -33.62 20.62
C ASN C 131 -37.59 -33.09 20.67
N TYR C 132 -38.26 -32.93 19.52
CA TYR C 132 -39.59 -32.34 19.53
C TYR C 132 -40.40 -33.03 18.44
N LYS C 133 -41.50 -33.66 18.81
CA LYS C 133 -42.24 -34.55 17.90
C LYS C 133 -43.69 -34.10 17.80
N LEU C 134 -44.13 -33.88 16.57
CA LEU C 134 -45.52 -33.53 16.32
C LEU C 134 -46.35 -34.79 16.06
N PRO C 135 -47.57 -34.85 16.59
CA PRO C 135 -48.44 -36.00 16.28
C PRO C 135 -48.75 -36.06 14.80
N ASP C 136 -49.06 -37.27 14.32
CA ASP C 136 -49.41 -37.42 12.90
C ASP C 136 -50.72 -36.73 12.54
N ASP C 137 -51.56 -36.43 13.52
CA ASP C 137 -52.86 -35.81 13.33
C ASP C 137 -52.83 -34.31 13.65
N PHE C 138 -51.63 -33.72 13.64
CA PHE C 138 -51.41 -32.38 14.19
C PHE C 138 -52.37 -31.37 13.58
N THR C 139 -53.07 -30.61 14.44
CA THR C 139 -53.82 -29.44 13.99
C THR C 139 -53.21 -28.20 14.66
N GLY C 140 -52.47 -27.45 13.85
CA GLY C 140 -51.83 -26.25 14.34
C GLY C 140 -50.98 -25.63 13.27
N CYS C 141 -50.13 -24.69 13.67
CA CYS C 141 -49.25 -24.02 12.72
C CYS C 141 -47.81 -24.07 13.22
N VAL C 142 -46.89 -24.16 12.26
CA VAL C 142 -45.46 -24.21 12.51
C VAL C 142 -44.87 -22.95 11.89
N ILE C 143 -44.34 -22.08 12.73
CA ILE C 143 -43.82 -20.80 12.28
C ILE C 143 -42.32 -20.77 12.58
N ALA C 144 -41.52 -20.37 11.59
CA ALA C 144 -40.07 -20.33 11.78
C ALA C 144 -39.49 -19.10 11.11
N TRP C 145 -38.33 -18.64 11.59
CA TRP C 145 -37.61 -17.54 10.96
C TRP C 145 -36.13 -17.64 11.27
N ASN C 146 -35.31 -17.12 10.35
CA ASN C 146 -33.86 -17.10 10.50
C ASN C 146 -33.44 -16.14 11.61
N SER C 147 -32.61 -16.62 12.53
CA SER C 147 -32.18 -15.81 13.66
C SER C 147 -30.65 -15.74 13.75
N ASN C 148 -29.97 -15.86 12.61
CA ASN C 148 -28.52 -15.77 12.58
C ASN C 148 -28.00 -14.49 13.24
N ASN C 149 -28.65 -13.35 13.00
CA ASN C 149 -28.11 -12.12 13.58
C ASN C 149 -28.37 -12.03 15.08
N LEU C 150 -28.91 -13.06 15.70
CA LEU C 150 -29.15 -12.92 17.13
C LEU C 150 -28.57 -14.12 17.86
N ASP C 151 -28.55 -15.28 17.21
CA ASP C 151 -28.25 -16.53 17.89
C ASP C 151 -26.89 -17.13 17.53
N SER C 152 -26.23 -16.62 16.49
CA SER C 152 -24.84 -16.98 16.31
C SER C 152 -23.98 -16.02 17.14
N LYS C 153 -22.71 -16.39 17.33
CA LYS C 153 -21.77 -15.41 17.87
C LYS C 153 -20.34 -15.73 17.39
N VAL C 154 -19.42 -14.78 17.63
CA VAL C 154 -18.07 -14.99 17.10
C VAL C 154 -17.51 -16.20 17.82
N GLY C 155 -16.70 -16.98 17.11
CA GLY C 155 -16.21 -18.20 17.70
C GLY C 155 -17.26 -19.27 17.94
N GLY C 156 -18.52 -19.06 17.53
CA GLY C 156 -19.56 -20.03 17.72
C GLY C 156 -20.39 -19.71 18.94
N ASN C 157 -21.72 -19.86 18.84
CA ASN C 157 -22.59 -19.85 20.01
C ASN C 157 -22.90 -21.29 20.37
N TYR C 158 -22.62 -21.66 21.61
CA TYR C 158 -22.78 -23.05 22.02
C TYR C 158 -24.00 -23.27 22.91
N ASN C 159 -24.70 -22.20 23.28
CA ASN C 159 -25.79 -22.30 24.27
C ASN C 159 -26.90 -23.25 23.83
N TYR C 160 -27.10 -23.45 22.53
CA TYR C 160 -28.21 -24.28 22.03
C TYR C 160 -27.72 -25.70 21.78
N LEU C 161 -28.45 -26.67 22.33
CA LEU C 161 -28.09 -28.07 22.30
C LEU C 161 -29.24 -28.85 21.67
N TYR C 162 -28.95 -30.02 21.11
CA TYR C 162 -29.98 -30.97 20.76
C TYR C 162 -29.58 -32.34 21.29
N ARG C 163 -30.58 -33.21 21.50
CA ARG C 163 -30.30 -34.58 21.92
C ARG C 163 -29.95 -35.40 20.69
N LEU C 164 -28.79 -36.06 20.75
CA LEU C 164 -28.28 -36.87 19.66
C LEU C 164 -28.66 -38.34 19.80
N PHE C 165 -28.80 -38.83 21.02
CA PHE C 165 -29.03 -40.24 21.31
C PHE C 165 -30.15 -40.37 22.32
N ARG C 166 -31.06 -41.29 22.05
CA ARG C 166 -32.04 -41.66 23.06
C ARG C 166 -32.35 -43.15 22.89
N LYS C 167 -32.89 -43.73 23.98
CA LYS C 167 -33.20 -45.14 24.07
C LYS C 167 -34.37 -45.52 23.18
N SER C 168 -35.33 -44.61 23.04
CA SER C 168 -36.48 -44.78 22.15
C SER C 168 -36.90 -43.41 21.62
N ASN C 169 -37.66 -43.40 20.53
CA ASN C 169 -38.23 -42.15 20.03
C ASN C 169 -39.20 -41.55 21.05
N LEU C 170 -39.30 -40.23 20.98
CA LEU C 170 -40.20 -39.48 21.83
C LEU C 170 -41.63 -39.70 21.37
N LYS C 171 -42.56 -39.69 22.32
CA LYS C 171 -43.97 -39.57 21.93
C LYS C 171 -44.27 -38.12 21.56
N PRO C 172 -45.34 -37.88 20.80
CA PRO C 172 -45.69 -36.49 20.48
C PRO C 172 -45.84 -35.65 21.73
N PHE C 173 -45.20 -34.47 21.69
CA PHE C 173 -45.21 -33.47 22.75
C PHE C 173 -44.56 -33.99 24.04
N GLU C 174 -43.74 -35.04 23.96
CA GLU C 174 -42.90 -35.43 25.09
C GLU C 174 -41.61 -34.58 25.12
N ARG C 175 -41.07 -34.40 26.32
CA ARG C 175 -39.85 -33.64 26.54
C ARG C 175 -38.92 -34.46 27.41
N ASP C 176 -37.64 -34.54 27.01
CA ASP C 176 -36.62 -35.25 27.77
C ASP C 176 -35.47 -34.27 28.07
N ILE C 177 -35.29 -33.93 29.35
CA ILE C 177 -34.24 -33.01 29.75
C ILE C 177 -33.13 -33.73 30.52
N SER C 178 -33.14 -35.05 30.53
CA SER C 178 -32.12 -35.81 31.25
C SER C 178 -30.75 -35.62 30.62
N THR C 179 -29.71 -35.70 31.47
CA THR C 179 -28.32 -35.61 31.03
C THR C 179 -27.55 -36.88 31.37
N GLU C 180 -28.23 -38.03 31.38
CA GLU C 180 -27.61 -39.32 31.63
C GLU C 180 -26.71 -39.74 30.47
N ILE C 181 -25.58 -40.38 30.79
CA ILE C 181 -24.74 -40.98 29.76
C ILE C 181 -25.49 -42.11 29.09
N TYR C 182 -25.54 -42.01 27.75
CA TYR C 182 -26.19 -43.05 26.92
C TYR C 182 -25.24 -44.22 26.78
N GLN C 183 -25.77 -45.43 26.79
CA GLN C 183 -24.93 -46.63 26.55
C GLN C 183 -25.32 -47.18 25.19
N ALA C 184 -24.38 -47.25 24.25
CA ALA C 184 -24.66 -47.88 22.96
C ALA C 184 -24.23 -49.33 23.08
N GLY C 185 -23.56 -49.66 24.18
CA GLY C 185 -23.11 -51.02 24.41
C GLY C 185 -23.50 -51.60 25.76
N SER C 186 -22.53 -52.13 26.50
CA SER C 186 -22.82 -52.82 27.75
C SER C 186 -21.88 -52.53 28.93
N THR C 187 -20.76 -51.82 28.73
CA THR C 187 -19.95 -51.38 29.85
C THR C 187 -20.67 -50.25 30.61
N PRO C 188 -20.43 -50.12 31.93
CA PRO C 188 -21.08 -49.07 32.72
C PRO C 188 -20.83 -47.65 32.19
N ASN C 196 -18.14 -47.45 24.80
CA ASN C 196 -19.20 -47.14 23.85
C ASN C 196 -20.33 -46.35 24.56
N CYS C 197 -19.91 -45.34 25.33
CA CYS C 197 -20.79 -44.52 26.16
C CYS C 197 -20.61 -43.05 25.78
N TYR C 198 -21.71 -42.35 25.53
CA TYR C 198 -21.64 -40.99 24.97
C TYR C 198 -22.45 -40.01 25.81
N PHE C 199 -21.97 -38.75 25.87
CA PHE C 199 -22.80 -37.67 26.40
C PHE C 199 -23.95 -37.43 25.42
N PRO C 200 -25.20 -37.33 25.89
CA PRO C 200 -26.35 -37.43 24.98
C PRO C 200 -26.70 -36.15 24.23
N LEU C 201 -26.16 -35.00 24.63
CA LEU C 201 -26.45 -33.72 24.00
C LEU C 201 -25.24 -33.24 23.21
N GLN C 202 -25.51 -32.54 22.11
CA GLN C 202 -24.49 -31.95 21.25
C GLN C 202 -24.85 -30.49 21.00
N SER C 203 -23.85 -29.62 21.03
CA SER C 203 -24.11 -28.21 20.80
C SER C 203 -24.19 -27.92 19.31
N TYR C 204 -25.05 -26.96 18.95
CA TYR C 204 -25.15 -26.48 17.58
C TYR C 204 -23.93 -25.63 17.16
N GLY C 205 -23.28 -24.95 18.09
CA GLY C 205 -22.10 -24.12 17.74
C GLY C 205 -22.29 -23.08 16.66
N PHE C 206 -23.40 -22.32 16.69
CA PHE C 206 -23.77 -21.49 15.54
C PHE C 206 -22.70 -20.44 15.23
N GLN C 207 -22.24 -20.45 13.97
CA GLN C 207 -21.18 -19.59 13.43
C GLN C 207 -21.75 -18.57 12.46
N PRO C 208 -21.35 -17.30 12.57
CA PRO C 208 -21.89 -16.27 11.67
C PRO C 208 -21.49 -16.49 10.22
N THR C 209 -20.50 -17.35 9.98
CA THR C 209 -20.04 -17.70 8.64
C THR C 209 -20.80 -18.87 8.02
N TYR C 210 -21.71 -19.54 8.74
CA TYR C 210 -22.37 -20.72 8.19
C TYR C 210 -23.31 -20.38 7.04
N GLY C 211 -23.45 -21.33 6.11
CA GLY C 211 -24.56 -21.28 5.19
C GLY C 211 -25.89 -21.55 5.87
N VAL C 212 -26.97 -21.24 5.13
CA VAL C 212 -28.30 -21.16 5.72
C VAL C 212 -28.73 -22.49 6.34
N GLY C 213 -28.38 -23.62 5.71
CA GLY C 213 -28.75 -24.92 6.27
C GLY C 213 -28.27 -25.14 7.71
N TYR C 214 -27.19 -24.44 8.11
CA TYR C 214 -26.62 -24.61 9.44
C TYR C 214 -26.84 -23.40 10.35
N GLN C 215 -27.47 -22.34 9.85
CA GLN C 215 -27.81 -21.19 10.66
C GLN C 215 -28.97 -21.48 11.62
N PRO C 216 -29.10 -20.73 12.71
CA PRO C 216 -30.18 -20.97 13.67
C PRO C 216 -31.50 -20.38 13.19
N TYR C 217 -32.59 -21.11 13.47
CA TYR C 217 -33.95 -20.67 13.22
C TYR C 217 -34.71 -20.76 14.53
N ARG C 218 -35.42 -19.68 14.86
CA ARG C 218 -36.43 -19.74 15.91
C ARG C 218 -37.75 -20.31 15.38
N VAL C 219 -38.29 -21.29 16.11
CA VAL C 219 -39.50 -22.00 15.71
C VAL C 219 -40.55 -21.75 16.77
N VAL C 220 -41.80 -21.54 16.35
CA VAL C 220 -42.96 -21.48 17.23
C VAL C 220 -44.03 -22.40 16.66
N VAL C 221 -44.51 -23.33 17.48
CA VAL C 221 -45.54 -24.29 17.09
C VAL C 221 -46.80 -23.95 17.88
N LEU C 222 -47.86 -23.59 17.18
CA LEU C 222 -49.14 -23.29 17.80
C LEU C 222 -50.04 -24.52 17.68
N SER C 223 -50.45 -25.04 18.82
CA SER C 223 -51.42 -26.14 18.90
C SER C 223 -52.75 -25.57 19.36
N PHE C 224 -53.81 -25.90 18.64
CA PHE C 224 -55.16 -25.44 18.96
C PHE C 224 -55.91 -26.66 19.45
N GLU C 225 -56.24 -26.70 20.72
CA GLU C 225 -56.99 -27.83 21.23
C GLU C 225 -58.47 -27.47 21.31
N LEU C 226 -59.31 -28.41 20.92
CA LEU C 226 -60.76 -28.24 20.96
C LEU C 226 -61.30 -29.39 21.80
N LEU C 227 -61.74 -29.06 23.00
CA LEU C 227 -62.24 -30.01 23.96
C LEU C 227 -63.66 -29.65 24.34
N HIS C 228 -64.39 -30.64 24.86
CA HIS C 228 -65.74 -30.40 25.32
C HIS C 228 -65.60 -29.67 26.66
N ALA C 229 -65.29 -28.38 26.55
CA ALA C 229 -65.07 -27.50 27.68
C ALA C 229 -65.21 -26.07 27.18
N PRO C 230 -65.32 -25.09 28.08
CA PRO C 230 -65.49 -23.71 27.62
C PRO C 230 -64.31 -23.26 26.77
N ALA C 231 -64.62 -22.62 25.65
CA ALA C 231 -63.59 -22.08 24.79
C ALA C 231 -63.15 -20.73 25.35
N THR C 232 -61.84 -20.45 25.31
CA THR C 232 -61.30 -19.24 25.91
C THR C 232 -60.38 -18.45 24.99
N VAL C 233 -60.06 -18.94 23.80
CA VAL C 233 -59.21 -18.25 22.82
C VAL C 233 -60.00 -18.18 21.52
N CYS C 234 -60.41 -16.97 21.14
CA CYS C 234 -61.24 -16.71 19.98
C CYS C 234 -60.62 -15.62 19.13
N GLY C 235 -60.96 -15.59 17.84
CA GLY C 235 -60.55 -14.47 17.00
C GLY C 235 -61.56 -13.32 17.02
N ILE D 2 6.32 5.98 -7.43
CA ILE D 2 7.20 4.86 -7.76
C ILE D 2 8.67 5.27 -7.81
N THR D 3 9.46 4.74 -6.88
CA THR D 3 10.87 5.07 -6.73
C THR D 3 11.67 3.79 -6.49
N LEU D 4 12.88 3.73 -7.02
CA LEU D 4 13.84 2.68 -6.65
C LEU D 4 15.17 3.34 -6.40
N LYS D 5 15.87 2.91 -5.35
CA LYS D 5 17.12 3.54 -4.95
C LYS D 5 18.17 2.47 -4.63
N GLU D 6 19.31 2.54 -5.33
CA GLU D 6 20.44 1.68 -5.05
C GLU D 6 21.36 2.28 -4.00
N SER D 7 21.90 1.42 -3.14
CA SER D 7 22.95 1.80 -2.20
C SER D 7 23.78 0.57 -1.88
N GLY D 8 25.05 0.81 -1.59
CA GLY D 8 25.96 -0.26 -1.23
C GLY D 8 27.38 0.24 -1.15
N PRO D 9 28.29 -0.59 -0.57
CA PRO D 9 29.71 -0.23 -0.55
C PRO D 9 30.28 0.04 -1.94
N THR D 10 30.54 1.31 -2.24
CA THR D 10 30.90 1.73 -3.59
C THR D 10 32.34 1.37 -3.97
N LEU D 11 33.15 0.87 -3.04
CA LEU D 11 34.54 0.49 -3.34
C LEU D 11 34.76 -0.98 -2.94
N VAL D 12 35.32 -1.75 -3.87
CA VAL D 12 35.55 -3.17 -3.66
C VAL D 12 37.01 -3.46 -4.03
N LYS D 13 37.71 -4.17 -3.17
CA LYS D 13 39.03 -4.58 -3.58
C LYS D 13 38.93 -5.80 -4.50
N PRO D 14 39.82 -5.93 -5.49
CA PRO D 14 39.69 -7.05 -6.43
C PRO D 14 39.60 -8.39 -5.71
N THR D 15 38.86 -9.32 -6.31
CA THR D 15 38.56 -10.68 -5.88
C THR D 15 37.54 -10.75 -4.72
N GLN D 16 37.17 -9.63 -4.11
CA GLN D 16 36.14 -9.62 -3.07
C GLN D 16 34.76 -9.52 -3.71
N THR D 17 33.72 -9.51 -2.86
CA THR D 17 32.34 -9.57 -3.34
C THR D 17 31.64 -8.23 -3.12
N LEU D 18 31.16 -7.65 -4.22
CA LEU D 18 30.24 -6.51 -4.14
C LEU D 18 28.88 -6.95 -3.62
N THR D 19 28.30 -6.13 -2.76
CA THR D 19 26.93 -6.31 -2.29
C THR D 19 26.20 -4.99 -2.41
N LEU D 20 25.07 -5.01 -3.13
CA LEU D 20 24.27 -3.83 -3.42
C LEU D 20 22.84 -4.11 -3.01
N THR D 21 22.21 -3.13 -2.37
CA THR D 21 20.81 -3.24 -1.99
C THR D 21 19.98 -2.26 -2.82
N CYS D 22 18.78 -2.69 -3.19
CA CYS D 22 17.80 -1.88 -3.88
C CYS D 22 16.59 -1.73 -2.97
N THR D 23 16.22 -0.49 -2.67
CA THR D 23 15.07 -0.20 -1.82
C THR D 23 14.02 0.49 -2.68
N PHE D 24 12.84 -0.12 -2.78
CA PHE D 24 11.85 0.39 -3.70
C PHE D 24 10.57 0.72 -2.96
N SER D 25 9.77 1.58 -3.59
CA SER D 25 8.61 2.18 -2.97
C SER D 25 7.55 2.43 -4.04
N GLY D 26 6.28 2.42 -3.63
CA GLY D 26 5.20 2.65 -4.57
C GLY D 26 4.72 1.42 -5.32
N PHE D 27 5.31 0.25 -5.10
CA PHE D 27 4.81 -0.97 -5.72
C PHE D 27 5.20 -2.15 -4.83
N SER D 28 4.59 -3.29 -5.11
CA SER D 28 4.85 -4.51 -4.35
C SER D 28 5.48 -5.57 -5.24
N LEU D 29 6.59 -6.12 -4.79
CA LEU D 29 7.19 -7.27 -5.45
C LEU D 29 6.45 -8.58 -5.20
N SER D 30 5.30 -8.54 -4.53
CA SER D 30 4.43 -9.71 -4.45
C SER D 30 3.29 -9.67 -5.46
N THR D 31 3.13 -8.55 -6.16
CA THR D 31 2.17 -8.43 -7.25
C THR D 31 2.55 -9.35 -8.40
N SER D 32 1.54 -9.95 -9.02
CA SER D 32 1.75 -11.01 -9.99
C SER D 32 2.28 -10.42 -11.29
N GLY D 33 3.35 -11.02 -11.80
CA GLY D 33 4.02 -10.53 -13.00
C GLY D 33 5.19 -9.58 -12.76
N VAL D 34 5.31 -9.01 -11.55
CA VAL D 34 6.29 -7.98 -11.27
C VAL D 34 7.62 -8.61 -10.90
N GLY D 35 8.71 -8.00 -11.36
CA GLY D 35 10.05 -8.39 -10.93
C GLY D 35 10.87 -7.15 -10.62
N VAL D 36 12.04 -7.38 -10.04
CA VAL D 36 13.03 -6.32 -9.87
C VAL D 36 14.36 -6.88 -10.38
N GLY D 37 15.01 -6.14 -11.28
CA GLY D 37 16.25 -6.58 -11.88
C GLY D 37 17.41 -5.62 -11.59
N TRP D 38 18.61 -6.08 -11.98
CA TRP D 38 19.83 -5.29 -11.89
C TRP D 38 20.49 -5.21 -13.26
N ILE D 39 20.93 -4.02 -13.61
CA ILE D 39 21.56 -3.73 -14.89
C ILE D 39 22.78 -2.90 -14.54
N ARG D 40 23.87 -3.07 -15.28
CA ARG D 40 25.08 -2.29 -15.04
C ARG D 40 25.54 -1.63 -16.33
N GLN D 41 26.29 -0.54 -16.18
CA GLN D 41 26.83 0.14 -17.35
C GLN D 41 28.26 0.59 -17.09
N PRO D 42 29.24 -0.07 -17.67
CA PRO D 42 30.63 0.38 -17.52
C PRO D 42 30.82 1.71 -18.24
N PRO D 43 31.64 2.63 -17.65
CA PRO D 43 31.82 3.96 -18.27
C PRO D 43 31.96 3.92 -19.77
N GLY D 44 31.14 4.70 -20.46
CA GLY D 44 31.19 4.77 -21.92
C GLY D 44 31.01 3.45 -22.62
N LYS D 45 30.14 2.58 -22.10
CA LYS D 45 29.98 1.26 -22.68
C LYS D 45 28.53 0.83 -22.51
N ALA D 46 28.18 -0.26 -23.20
CA ALA D 46 26.79 -0.68 -23.32
C ALA D 46 26.16 -1.02 -21.96
N LEU D 47 24.84 -0.89 -21.90
CA LEU D 47 24.09 -1.42 -20.76
C LEU D 47 24.20 -2.94 -20.75
N GLU D 48 24.31 -3.52 -19.56
CA GLU D 48 24.45 -4.96 -19.43
C GLU D 48 23.55 -5.49 -18.33
N TRP D 49 22.56 -6.33 -18.69
CA TRP D 49 21.67 -6.90 -17.68
C TRP D 49 22.41 -7.94 -16.84
N LEU D 50 22.21 -7.89 -15.53
CA LEU D 50 22.83 -8.80 -14.58
C LEU D 50 21.88 -9.89 -14.07
N ALA D 51 20.76 -9.50 -13.44
CA ALA D 51 19.99 -10.46 -12.66
C ALA D 51 18.56 -9.98 -12.55
N LEU D 52 17.65 -10.93 -12.31
CA LEU D 52 16.24 -10.60 -12.11
C LEU D 52 15.65 -11.57 -11.11
N ILE D 53 14.75 -11.05 -10.28
CA ILE D 53 13.94 -11.86 -9.39
C ILE D 53 12.49 -11.42 -9.53
N TYR D 54 11.60 -12.41 -9.61
CA TYR D 54 10.17 -12.22 -9.84
C TYR D 54 9.39 -12.24 -8.52
N TRP D 55 8.06 -12.04 -8.64
CA TRP D 55 7.18 -12.02 -7.48
C TRP D 55 7.10 -13.37 -6.78
N ASP D 56 7.03 -14.48 -7.53
CA ASP D 56 7.40 -15.76 -6.93
C ASP D 56 8.90 -15.72 -6.68
N ASP D 57 9.53 -16.77 -6.19
CA ASP D 57 10.93 -16.51 -5.87
C ASP D 57 11.86 -16.83 -7.05
N ASP D 58 11.36 -16.69 -8.28
CA ASP D 58 12.10 -17.14 -9.45
C ASP D 58 13.21 -16.16 -9.76
N LYS D 59 14.42 -16.68 -9.94
CA LYS D 59 15.60 -15.87 -10.13
C LYS D 59 16.19 -16.21 -11.48
N ARG D 60 16.54 -15.15 -12.21
CA ARG D 60 17.19 -15.31 -13.54
C ARG D 60 18.51 -14.54 -13.49
N TYR D 61 19.51 -14.98 -14.24
CA TYR D 61 20.85 -14.40 -14.20
C TYR D 61 21.41 -14.34 -15.60
N SER D 62 22.40 -13.47 -15.77
CA SER D 62 23.16 -13.46 -17.01
C SER D 62 23.74 -14.86 -17.24
N PRO D 63 23.57 -15.44 -18.42
CA PRO D 63 24.23 -16.72 -18.70
C PRO D 63 25.73 -16.64 -18.47
N SER D 64 26.38 -15.61 -19.02
CA SER D 64 27.84 -15.51 -18.93
C SER D 64 28.32 -15.24 -17.51
N LEU D 65 27.52 -14.62 -16.65
CA LEU D 65 27.99 -14.23 -15.31
C LEU D 65 27.27 -14.98 -14.19
N LYS D 66 26.51 -16.02 -14.53
CA LYS D 66 25.60 -16.66 -13.59
C LYS D 66 26.29 -17.15 -12.32
N SER D 67 27.42 -17.84 -12.48
CA SER D 67 28.12 -18.40 -11.32
C SER D 67 28.45 -17.33 -10.30
N ARG D 68 28.81 -16.13 -10.78
CA ARG D 68 29.20 -15.07 -9.86
C ARG D 68 28.02 -14.39 -9.19
N LEU D 69 26.80 -14.56 -9.74
CA LEU D 69 25.68 -13.71 -9.35
C LEU D 69 24.73 -14.44 -8.41
N THR D 70 24.05 -13.66 -7.59
CA THR D 70 23.03 -14.12 -6.67
C THR D 70 22.10 -12.94 -6.42
N ILE D 71 20.80 -13.19 -6.35
CA ILE D 71 19.83 -12.13 -6.09
C ILE D 71 18.77 -12.66 -5.13
N THR D 72 18.35 -11.82 -4.19
CA THR D 72 17.39 -12.20 -3.17
C THR D 72 16.41 -11.05 -2.97
N LYS D 73 15.28 -11.35 -2.33
CA LYS D 73 14.27 -10.35 -2.04
C LYS D 73 13.82 -10.47 -0.59
N ASP D 74 13.31 -9.34 -0.06
CA ASP D 74 12.70 -9.23 1.26
C ASP D 74 11.47 -8.35 1.09
N THR D 75 10.33 -8.98 0.78
CA THR D 75 9.11 -8.24 0.44
C THR D 75 8.66 -7.34 1.59
N SER D 76 9.00 -7.70 2.83
CA SER D 76 8.60 -6.89 3.98
C SER D 76 9.34 -5.56 3.98
N LYS D 77 10.66 -5.60 3.75
CA LYS D 77 11.51 -4.41 3.74
C LYS D 77 11.61 -3.75 2.37
N ASN D 78 10.87 -4.25 1.37
CA ASN D 78 10.86 -3.70 0.02
C ASN D 78 12.28 -3.61 -0.55
N GLN D 79 12.99 -4.74 -0.49
CA GLN D 79 14.41 -4.72 -0.78
C GLN D 79 14.83 -5.93 -1.59
N VAL D 80 15.72 -5.70 -2.55
CA VAL D 80 16.33 -6.73 -3.36
C VAL D 80 17.84 -6.58 -3.25
N VAL D 81 18.55 -7.68 -3.04
CA VAL D 81 19.98 -7.66 -2.79
C VAL D 81 20.69 -8.44 -3.89
N LEU D 82 21.73 -7.82 -4.44
CA LEU D 82 22.60 -8.43 -5.44
C LEU D 82 23.95 -8.72 -4.80
N THR D 83 24.46 -9.92 -5.01
CA THR D 83 25.84 -10.23 -4.64
C THR D 83 26.58 -10.71 -5.88
N MET D 84 27.69 -10.04 -6.17
CA MET D 84 28.62 -10.45 -7.21
C MET D 84 29.94 -10.80 -6.54
N THR D 85 30.59 -11.83 -7.08
CA THR D 85 31.84 -12.33 -6.53
C THR D 85 32.96 -12.08 -7.52
N ASN D 86 34.20 -12.10 -7.01
CA ASN D 86 35.40 -12.00 -7.85
C ASN D 86 35.43 -10.71 -8.67
N MET D 87 35.15 -9.59 -8.01
CA MET D 87 35.15 -8.28 -8.68
C MET D 87 36.54 -7.99 -9.27
N ASP D 88 36.54 -7.40 -10.46
CA ASP D 88 37.71 -7.10 -11.29
C ASP D 88 37.50 -5.73 -11.94
N PRO D 89 38.58 -4.98 -12.20
CA PRO D 89 38.41 -3.62 -12.76
C PRO D 89 37.57 -3.52 -14.04
N VAL D 90 37.30 -4.62 -14.74
CA VAL D 90 36.28 -4.53 -15.80
C VAL D 90 34.88 -4.39 -15.22
N ASP D 91 34.71 -4.66 -13.92
CA ASP D 91 33.42 -4.56 -13.28
C ASP D 91 33.16 -3.21 -12.66
N THR D 92 34.07 -2.23 -12.79
CA THR D 92 33.76 -0.87 -12.35
C THR D 92 32.71 -0.31 -13.27
N ALA D 93 31.60 0.12 -12.71
CA ALA D 93 30.47 0.52 -13.53
C ALA D 93 29.43 1.16 -12.63
N THR D 94 28.49 1.84 -13.26
CA THR D 94 27.27 2.25 -12.57
C THR D 94 26.27 1.09 -12.60
N TYR D 95 25.77 0.72 -11.42
CA TYR D 95 24.86 -0.39 -11.26
C TYR D 95 23.49 0.16 -10.96
N TYR D 96 22.51 -0.22 -11.78
CA TYR D 96 21.13 0.21 -11.64
C TYR D 96 20.25 -0.95 -11.21
N CYS D 97 19.23 -0.64 -10.42
CA CYS D 97 18.11 -1.53 -10.26
C CYS D 97 16.90 -0.91 -10.96
N ALA D 98 15.93 -1.77 -11.30
CA ALA D 98 14.80 -1.36 -12.11
C ALA D 98 13.66 -2.36 -11.95
N ARG D 99 12.43 -1.87 -12.16
CA ARG D 99 11.26 -2.72 -12.05
C ARG D 99 10.96 -3.38 -13.39
N HIS D 100 10.48 -4.62 -13.32
CA HIS D 100 10.31 -5.47 -14.49
C HIS D 100 8.86 -5.94 -14.58
N ARG D 101 8.31 -5.85 -15.79
CA ARG D 101 7.26 -6.73 -16.27
C ARG D 101 7.69 -7.21 -17.63
N ILE D 102 7.45 -8.48 -17.94
CA ILE D 102 7.49 -8.88 -19.34
C ILE D 102 6.65 -7.88 -20.10
N GLY D 103 7.17 -7.37 -21.20
CA GLY D 103 6.36 -6.56 -22.06
C GLY D 103 6.75 -5.11 -22.06
N TYR D 104 7.22 -4.59 -20.91
CA TYR D 104 7.99 -3.37 -20.96
C TYR D 104 9.45 -3.57 -20.55
N ILE D 105 9.81 -4.78 -20.10
CA ILE D 105 11.19 -5.15 -19.76
C ILE D 105 11.64 -4.41 -18.51
N PHE D 106 11.82 -3.10 -18.60
CA PHE D 106 12.07 -2.26 -17.43
C PHE D 106 11.48 -0.88 -17.67
N ASP D 107 10.66 -0.39 -16.71
CA ASP D 107 10.11 0.96 -16.87
C ASP D 107 10.77 1.98 -15.94
N TYR D 108 10.68 1.80 -14.63
CA TYR D 108 11.28 2.74 -13.68
C TYR D 108 12.68 2.26 -13.27
N TRP D 109 13.67 3.14 -13.39
CA TRP D 109 15.07 2.84 -13.07
C TRP D 109 15.55 3.72 -11.91
N GLY D 110 16.38 3.16 -11.04
CA GLY D 110 16.99 3.95 -9.99
C GLY D 110 18.07 4.90 -10.51
N GLN D 111 18.58 5.71 -9.58
CA GLN D 111 19.66 6.66 -9.86
C GLN D 111 20.83 5.99 -10.57
N GLY D 112 21.24 4.83 -10.06
CA GLY D 112 22.54 4.29 -10.35
C GLY D 112 23.47 4.58 -9.19
N THR D 113 24.33 3.63 -8.87
CA THR D 113 25.40 3.83 -7.91
C THR D 113 26.68 3.36 -8.59
N LEU D 114 27.71 4.20 -8.57
CA LEU D 114 28.98 3.81 -9.15
C LEU D 114 29.79 3.00 -8.16
N VAL D 115 30.18 1.82 -8.60
CA VAL D 115 31.01 0.89 -7.85
C VAL D 115 32.35 0.86 -8.58
N THR D 116 33.43 1.12 -7.85
CA THR D 116 34.77 1.03 -8.40
C THR D 116 35.49 -0.11 -7.68
N VAL D 117 36.21 -0.91 -8.43
CA VAL D 117 37.00 -1.99 -7.83
C VAL D 117 38.47 -1.66 -8.04
N SER D 118 39.19 -1.50 -6.92
CA SER D 118 40.62 -1.10 -6.99
C SER D 118 41.39 -1.54 -5.76
N SER D 119 42.68 -1.80 -5.92
CA SER D 119 43.56 -2.15 -4.78
C SER D 119 43.61 -0.93 -3.85
N ALA D 120 43.65 0.26 -4.46
CA ALA D 120 43.79 1.56 -3.79
C ALA D 120 42.73 1.71 -2.70
N SER D 121 43.08 2.39 -1.60
CA SER D 121 42.11 2.60 -0.55
C SER D 121 41.47 3.99 -0.73
N THR D 122 40.51 4.29 0.14
CA THR D 122 39.71 5.51 0.02
C THR D 122 40.29 6.65 0.85
N LYS D 123 40.69 7.71 0.18
CA LYS D 123 41.16 8.95 0.79
C LYS D 123 40.09 10.00 0.58
N GLY D 124 39.63 10.64 1.66
CA GLY D 124 38.64 11.70 1.59
C GLY D 124 39.21 13.07 1.31
N PRO D 125 38.44 13.92 0.64
CA PRO D 125 38.99 15.12 -0.01
C PRO D 125 39.34 16.24 0.96
N SER D 126 40.22 17.11 0.48
CA SER D 126 40.49 18.39 1.12
C SER D 126 39.74 19.48 0.37
N VAL D 127 39.01 20.31 1.11
CA VAL D 127 38.13 21.32 0.54
C VAL D 127 38.75 22.71 0.75
N PHE D 128 38.92 23.44 -0.35
CA PHE D 128 39.56 24.75 -0.32
C PHE D 128 38.64 25.81 -0.92
N PRO D 129 38.37 26.91 -0.21
CA PRO D 129 37.52 27.95 -0.78
C PRO D 129 38.19 28.66 -1.95
N LEU D 130 37.39 28.95 -2.97
CA LEU D 130 37.84 29.70 -4.14
C LEU D 130 37.16 31.06 -4.07
N ALA D 131 37.92 32.08 -3.63
CA ALA D 131 37.26 33.30 -3.18
C ALA D 131 36.84 34.16 -4.36
N PRO D 132 35.70 34.90 -4.28
CA PRO D 132 35.32 35.81 -5.36
C PRO D 132 36.25 37.03 -5.44
N SER D 133 36.57 37.47 -6.67
CA SER D 133 37.50 38.60 -6.84
C SER D 133 36.92 39.63 -7.81
N SER D 136 37.17 37.29 -11.02
CA SER D 136 35.94 36.53 -11.22
C SER D 136 34.72 37.44 -11.44
N THR D 137 34.78 38.68 -10.96
CA THR D 137 33.65 39.61 -11.01
C THR D 137 33.51 40.24 -12.40
N SER D 138 32.25 40.33 -12.87
CA SER D 138 31.94 40.86 -14.19
C SER D 138 30.98 42.05 -14.08
N GLY D 139 30.02 42.13 -15.00
CA GLY D 139 29.02 43.18 -14.96
C GLY D 139 28.01 42.94 -13.85
N GLY D 140 28.46 43.09 -12.60
CA GLY D 140 27.63 42.80 -11.45
C GLY D 140 27.51 41.33 -11.09
N THR D 141 28.04 40.42 -11.91
CA THR D 141 28.01 38.99 -11.63
C THR D 141 29.40 38.55 -11.21
N ALA D 142 29.47 37.73 -10.15
CA ALA D 142 30.76 37.30 -9.61
C ALA D 142 30.79 35.79 -9.46
N ALA D 143 31.98 35.23 -9.68
CA ALA D 143 32.20 33.80 -9.59
C ALA D 143 32.94 33.47 -8.30
N LEU D 144 32.43 32.48 -7.57
CA LEU D 144 33.05 31.96 -6.37
C LEU D 144 32.87 30.44 -6.38
N GLY D 145 33.60 29.75 -5.53
CA GLY D 145 33.57 28.31 -5.62
C GLY D 145 34.34 27.64 -4.50
N CYS D 146 34.65 26.38 -4.72
CA CYS D 146 35.44 25.61 -3.77
C CYS D 146 36.09 24.44 -4.49
N LEU D 147 37.33 24.12 -4.09
CA LEU D 147 38.18 23.15 -4.75
C LEU D 147 38.21 21.88 -3.92
N VAL D 148 37.94 20.76 -4.57
CA VAL D 148 37.85 19.46 -3.92
C VAL D 148 39.04 18.65 -4.43
N LYS D 149 40.11 18.59 -3.65
CA LYS D 149 41.39 18.09 -4.12
C LYS D 149 41.73 16.75 -3.48
N ASP D 150 42.32 15.86 -4.29
CA ASP D 150 42.85 14.57 -3.85
C ASP D 150 41.80 13.72 -3.14
N TYR D 151 41.06 12.91 -3.91
CA TYR D 151 40.19 11.87 -3.38
C TYR D 151 40.18 10.71 -4.37
N PHE D 152 39.82 9.51 -3.90
CA PHE D 152 39.97 8.45 -4.89
C PHE D 152 38.65 7.87 -5.42
N PRO D 153 37.84 7.16 -4.64
CA PRO D 153 36.58 6.67 -5.22
C PRO D 153 35.81 7.88 -5.73
N GLU D 154 35.58 7.92 -7.04
CA GLU D 154 35.31 9.21 -7.70
C GLU D 154 34.03 9.92 -7.25
N PRO D 155 32.93 9.27 -6.89
CA PRO D 155 31.73 10.05 -6.55
C PRO D 155 31.99 11.00 -5.38
N VAL D 156 31.93 12.29 -5.68
CA VAL D 156 31.75 13.34 -4.67
C VAL D 156 30.63 14.24 -5.14
N THR D 157 29.80 14.67 -4.20
CA THR D 157 28.68 15.56 -4.48
C THR D 157 28.94 16.90 -3.80
N VAL D 158 28.66 17.98 -4.51
CA VAL D 158 28.78 19.31 -3.93
C VAL D 158 27.47 20.05 -4.13
N SER D 159 26.91 20.51 -3.03
CA SER D 159 25.78 21.42 -3.05
C SER D 159 26.23 22.76 -2.50
N TRP D 160 25.34 23.75 -2.65
CA TRP D 160 25.61 25.11 -2.22
C TRP D 160 24.45 25.59 -1.36
N ASN D 161 24.78 26.02 -0.14
CA ASN D 161 23.76 26.46 0.82
C ASN D 161 22.74 25.33 1.04
N SER D 162 23.26 24.11 1.11
CA SER D 162 22.48 22.91 1.43
C SER D 162 21.26 22.78 0.52
N GLY D 163 21.51 22.89 -0.78
CA GLY D 163 20.47 22.73 -1.78
C GLY D 163 19.66 23.97 -2.08
N ALA D 164 19.71 24.97 -1.19
CA ALA D 164 18.97 26.21 -1.42
C ALA D 164 19.46 26.93 -2.68
N LEU D 165 20.77 26.89 -2.95
CA LEU D 165 21.35 27.64 -4.05
C LEU D 165 21.61 26.65 -5.20
N THR D 166 20.93 26.86 -6.33
CA THR D 166 21.03 25.94 -7.47
C THR D 166 21.28 26.71 -8.76
N SER D 167 20.74 27.92 -8.85
CA SER D 167 20.89 28.70 -10.09
C SER D 167 22.30 29.27 -10.16
N GLY D 168 23.00 28.95 -11.25
CA GLY D 168 24.36 29.39 -11.44
C GLY D 168 25.42 28.44 -10.91
N VAL D 169 25.03 27.29 -10.37
CA VAL D 169 25.99 26.29 -9.91
C VAL D 169 26.47 25.46 -11.10
N HIS D 170 27.78 25.38 -11.26
CA HIS D 170 28.40 24.48 -12.24
C HIS D 170 29.43 23.64 -11.50
N THR D 171 29.18 22.33 -11.41
CA THR D 171 30.11 21.39 -10.80
C THR D 171 30.79 20.64 -11.93
N PHE D 172 32.09 20.92 -12.13
CA PHE D 172 32.82 20.37 -13.26
C PHE D 172 33.20 18.91 -13.01
N PRO D 173 33.22 18.09 -14.05
CA PRO D 173 33.77 16.74 -13.90
C PRO D 173 35.26 16.79 -13.54
N ALA D 174 35.68 15.80 -12.75
CA ALA D 174 36.98 15.78 -12.10
C ALA D 174 38.10 15.36 -13.06
N VAL D 175 39.33 15.44 -12.55
CA VAL D 175 40.53 15.05 -13.29
C VAL D 175 41.23 13.94 -12.52
N LEU D 176 41.88 13.05 -13.26
CA LEU D 176 42.64 11.93 -12.71
C LEU D 176 44.12 12.27 -12.66
N GLN D 177 44.75 11.99 -11.52
CA GLN D 177 46.16 12.29 -11.29
C GLN D 177 46.97 11.00 -11.01
N LEU D 181 44.76 9.95 -7.43
CA LEU D 181 43.72 10.68 -6.70
C LEU D 181 43.01 11.69 -7.64
N TYR D 182 41.69 11.72 -7.58
CA TYR D 182 40.92 12.69 -8.36
C TYR D 182 40.86 14.05 -7.64
N SER D 183 40.51 15.09 -8.40
CA SER D 183 40.16 16.39 -7.83
C SER D 183 39.14 17.07 -8.75
N LEU D 184 38.18 17.81 -8.17
CA LEU D 184 37.30 18.63 -8.99
C LEU D 184 37.00 19.94 -8.27
N SER D 185 36.32 20.82 -9.00
CA SER D 185 35.89 22.12 -8.50
C SER D 185 34.43 22.37 -8.83
N SER D 186 33.76 23.11 -7.96
CA SER D 186 32.40 23.59 -8.20
C SER D 186 32.38 25.11 -8.04
N VAL D 187 31.73 25.79 -8.97
CA VAL D 187 31.62 27.25 -8.94
C VAL D 187 30.18 27.69 -9.11
N VAL D 188 29.90 28.89 -8.61
CA VAL D 188 28.59 29.51 -8.71
C VAL D 188 28.80 30.97 -9.13
N THR D 189 28.03 31.42 -10.13
CA THR D 189 27.96 32.83 -10.43
C THR D 189 26.81 33.44 -9.63
N VAL D 190 27.12 34.54 -8.92
CA VAL D 190 26.19 35.22 -8.03
C VAL D 190 26.24 36.73 -8.31
N PRO D 191 25.18 37.47 -8.02
CA PRO D 191 25.26 38.93 -8.10
C PRO D 191 26.38 39.48 -7.22
N SER D 192 27.16 40.42 -7.78
CA SER D 192 28.23 41.04 -7.00
C SER D 192 27.67 41.80 -5.81
N SER D 193 26.46 42.36 -5.96
CA SER D 193 25.80 43.06 -4.87
C SER D 193 25.46 42.16 -3.68
N SER D 194 25.37 40.84 -3.90
CA SER D 194 25.02 39.95 -2.79
C SER D 194 26.19 39.69 -1.85
N LEU D 195 27.43 39.89 -2.30
CA LEU D 195 28.58 39.63 -1.44
C LEU D 195 28.56 40.60 -0.25
N GLY D 196 28.68 40.05 0.95
CA GLY D 196 28.56 40.85 2.17
C GLY D 196 27.26 40.59 2.91
N THR D 197 26.13 40.67 2.20
CA THR D 197 24.83 40.40 2.81
C THR D 197 24.46 38.91 2.78
N GLN D 198 24.87 38.20 1.74
CA GLN D 198 24.53 36.79 1.55
C GLN D 198 25.75 35.91 1.76
N THR D 199 25.58 34.84 2.56
CA THR D 199 26.62 33.84 2.79
C THR D 199 26.46 32.67 1.83
N TYR D 200 27.59 32.16 1.35
CA TYR D 200 27.64 31.04 0.42
C TYR D 200 28.51 29.95 1.01
N ILE D 201 27.94 28.76 1.19
CA ILE D 201 28.65 27.64 1.80
C ILE D 201 28.70 26.48 0.80
N CYS D 202 29.90 25.93 0.65
CA CYS D 202 30.18 24.76 -0.15
C CYS D 202 29.91 23.51 0.68
N ASN D 203 28.99 22.65 0.23
CA ASN D 203 28.64 21.41 0.94
C ASN D 203 29.17 20.22 0.15
N VAL D 204 30.25 19.61 0.64
CA VAL D 204 30.94 18.53 -0.05
C VAL D 204 30.67 17.23 0.69
N ASN D 205 30.41 16.16 -0.06
CA ASN D 205 30.26 14.83 0.52
C ASN D 205 30.95 13.78 -0.34
N HIS D 206 31.75 12.95 0.30
CA HIS D 206 32.41 11.79 -0.28
C HIS D 206 31.90 10.59 0.52
N LYS D 207 30.85 9.95 0.03
CA LYS D 207 30.30 8.80 0.75
C LYS D 207 31.28 7.64 0.91
N PRO D 208 32.21 7.36 -0.01
CA PRO D 208 33.17 6.27 0.24
C PRO D 208 33.98 6.43 1.52
N SER D 209 34.39 7.65 1.85
CA SER D 209 35.22 7.91 3.02
C SER D 209 34.44 8.54 4.17
N ASN D 210 33.11 8.62 4.07
CA ASN D 210 32.25 9.14 5.14
C ASN D 210 32.67 10.55 5.55
N THR D 211 33.01 11.39 4.58
CA THR D 211 33.45 12.76 4.85
C THR D 211 32.40 13.74 4.33
N LYS D 212 31.67 14.38 5.25
CA LYS D 212 30.88 15.58 4.99
C LYS D 212 31.71 16.80 5.37
N VAL D 213 31.80 17.80 4.48
CA VAL D 213 32.56 19.01 4.75
C VAL D 213 31.80 20.21 4.21
N ASP D 214 31.63 21.23 5.06
CA ASP D 214 31.03 22.51 4.71
C ASP D 214 32.10 23.59 4.75
N LYS D 215 32.29 24.31 3.66
CA LYS D 215 33.30 25.36 3.61
C LYS D 215 32.68 26.65 3.07
N LYS D 216 32.49 27.61 3.97
CA LYS D 216 32.04 28.94 3.59
C LYS D 216 33.11 29.62 2.74
N VAL D 217 32.67 30.49 1.82
CA VAL D 217 33.54 31.17 0.87
C VAL D 217 33.28 32.68 0.97
N GLU D 218 34.34 33.44 1.30
CA GLU D 218 34.21 34.89 1.54
C GLU D 218 35.05 35.75 0.61
N ALA E 3 24.30 -8.98 -29.42
CA ALA E 3 22.96 -9.56 -29.38
C ALA E 3 21.93 -8.71 -30.17
N LEU E 4 21.83 -7.45 -29.78
CA LEU E 4 21.10 -6.42 -30.52
C LEU E 4 22.11 -5.40 -31.08
N THR E 5 21.96 -5.05 -32.35
CA THR E 5 22.86 -4.13 -33.03
C THR E 5 22.13 -2.85 -33.39
N GLN E 6 22.75 -1.74 -33.06
CA GLN E 6 22.30 -0.36 -33.20
C GLN E 6 23.38 0.44 -33.90
N PRO E 7 23.00 1.39 -34.74
CA PRO E 7 24.01 2.33 -35.27
C PRO E 7 24.65 3.09 -34.13
N ALA E 8 25.99 3.21 -34.17
CA ALA E 8 26.68 3.91 -33.10
C ALA E 8 26.25 5.38 -33.02
N SER E 9 25.83 5.96 -34.14
CA SER E 9 25.57 7.39 -34.16
C SER E 9 24.53 7.73 -35.21
N VAL E 10 23.76 8.79 -34.92
CA VAL E 10 22.80 9.33 -35.85
C VAL E 10 22.77 10.83 -35.61
N SER E 11 22.28 11.58 -36.60
CA SER E 11 22.26 13.01 -36.45
C SER E 11 21.23 13.59 -37.39
N GLY E 12 20.69 14.74 -37.00
CA GLY E 12 19.67 15.40 -37.78
C GLY E 12 19.63 16.86 -37.39
N SER E 13 19.01 17.63 -38.23
CA SER E 13 18.90 19.06 -37.96
C SER E 13 17.49 19.38 -37.47
N PRO E 14 17.31 20.51 -36.76
CA PRO E 14 16.03 20.76 -36.08
C PRO E 14 14.82 20.55 -36.97
N GLY E 15 13.82 19.86 -36.43
CA GLY E 15 12.54 19.70 -37.08
C GLY E 15 12.40 18.48 -37.97
N GLN E 16 13.49 17.80 -38.33
CA GLN E 16 13.38 16.63 -39.20
C GLN E 16 13.01 15.39 -38.40
N SER E 17 12.93 14.26 -39.10
CA SER E 17 12.69 12.95 -38.52
C SER E 17 13.97 12.14 -38.48
N ILE E 18 14.25 11.53 -37.33
CA ILE E 18 15.31 10.56 -37.17
C ILE E 18 14.66 9.20 -36.95
N THR E 19 15.26 8.16 -37.53
CA THR E 19 14.96 6.79 -37.20
C THR E 19 16.23 6.08 -36.80
N ILE E 20 16.19 5.49 -35.62
CA ILE E 20 17.22 4.57 -35.14
C ILE E 20 16.73 3.15 -35.31
N SER E 21 17.65 2.25 -35.62
CA SER E 21 17.32 0.87 -35.93
C SER E 21 17.93 -0.06 -34.91
N CYS E 22 17.25 -1.18 -34.67
CA CYS E 22 17.64 -2.16 -33.66
C CYS E 22 17.35 -3.53 -34.25
N THR E 23 18.40 -4.20 -34.71
CA THR E 23 18.28 -5.48 -35.39
C THR E 23 18.78 -6.57 -34.45
N GLY E 24 17.97 -7.61 -34.29
CA GLY E 24 18.35 -8.77 -33.49
C GLY E 24 18.81 -9.88 -34.41
N THR E 25 19.82 -10.61 -33.96
CA THR E 25 20.26 -11.80 -34.68
C THR E 25 19.08 -12.78 -34.72
N SER E 26 18.51 -12.98 -35.90
CA SER E 26 17.26 -13.72 -36.05
C SER E 26 17.27 -15.09 -35.39
N SER E 27 18.43 -15.61 -34.99
CA SER E 27 18.51 -16.89 -34.30
C SER E 27 18.33 -16.78 -32.79
N ASP E 28 18.63 -15.65 -32.19
CA ASP E 28 18.56 -15.55 -30.73
C ASP E 28 17.26 -14.94 -30.24
N VAL E 29 16.42 -14.43 -31.13
CA VAL E 29 15.41 -13.47 -30.70
C VAL E 29 14.08 -13.74 -31.39
N GLY E 30 13.91 -14.97 -31.91
CA GLY E 30 12.79 -15.33 -32.78
C GLY E 30 11.49 -14.65 -32.42
N ASP E 31 10.84 -14.00 -33.38
CA ASP E 31 9.54 -13.38 -33.19
C ASP E 31 9.64 -11.99 -32.57
N PHE E 32 10.61 -11.73 -31.69
CA PHE E 32 11.01 -10.34 -31.38
C PHE E 32 9.79 -9.55 -30.87
N ASN E 33 9.05 -10.16 -29.94
CA ASN E 33 7.72 -9.67 -29.58
C ASN E 33 7.77 -8.36 -28.80
N TYR E 34 8.74 -8.23 -27.91
CA TYR E 34 8.79 -7.13 -26.96
C TYR E 34 10.09 -6.38 -27.16
N VAL E 35 10.01 -5.12 -27.56
CA VAL E 35 11.21 -4.29 -27.62
C VAL E 35 10.91 -2.98 -26.91
N SER E 36 11.81 -2.57 -26.06
CA SER E 36 11.67 -1.26 -25.43
C SER E 36 12.76 -0.31 -25.92
N TRP E 37 12.44 0.97 -25.91
CA TRP E 37 13.40 2.01 -26.23
C TRP E 37 13.62 2.90 -25.02
N TYR E 38 14.88 3.26 -24.79
CA TYR E 38 15.28 4.10 -23.68
C TYR E 38 16.03 5.33 -24.18
N GLN E 39 15.76 6.45 -23.51
CA GLN E 39 16.50 7.67 -23.69
C GLN E 39 17.36 7.87 -22.46
N GLN E 40 18.64 8.19 -22.65
CA GLN E 40 19.58 8.36 -21.55
C GLN E 40 20.39 9.63 -21.75
N HIS E 41 20.20 10.61 -20.89
CA HIS E 41 21.01 11.82 -20.93
C HIS E 41 22.29 11.59 -20.12
N PRO E 42 23.35 12.35 -20.43
CA PRO E 42 24.62 12.12 -19.74
C PRO E 42 24.48 12.27 -18.24
N GLY E 43 24.93 11.26 -17.50
CA GLY E 43 24.87 11.31 -16.06
C GLY E 43 23.51 11.09 -15.43
N LYS E 44 22.54 10.57 -16.18
CA LYS E 44 21.29 10.18 -15.56
C LYS E 44 20.89 8.79 -16.05
N ALA E 45 19.95 8.17 -15.32
CA ALA E 45 19.45 6.84 -15.56
C ALA E 45 18.56 6.77 -16.80
N PRO E 46 18.46 5.60 -17.43
CA PRO E 46 17.61 5.45 -18.63
C PRO E 46 16.15 5.81 -18.35
N LYS E 47 15.48 6.32 -19.39
CA LYS E 47 14.07 6.66 -19.34
C LYS E 47 13.33 5.88 -20.42
N LEU E 48 12.28 5.14 -20.01
CA LEU E 48 11.49 4.38 -20.96
C LEU E 48 10.72 5.33 -21.88
N MET E 49 10.90 5.17 -23.18
CA MET E 49 10.20 5.97 -24.18
C MET E 49 9.15 5.18 -24.94
N ILE E 50 9.46 3.95 -25.30
CA ILE E 50 8.57 3.05 -26.04
C ILE E 50 8.71 1.68 -25.42
N TYR E 51 7.58 1.03 -25.14
CA TYR E 51 7.59 -0.36 -24.69
C TYR E 51 6.63 -1.15 -25.57
N ASP E 52 6.87 -2.45 -25.64
CA ASP E 52 6.03 -3.38 -26.40
C ASP E 52 5.98 -2.99 -27.87
N VAL E 53 7.13 -2.52 -28.38
CA VAL E 53 7.45 -2.19 -29.77
C VAL E 53 6.73 -0.92 -30.25
N THR E 54 5.47 -0.70 -29.82
CA THR E 54 4.68 0.47 -30.27
C THR E 54 4.11 1.35 -29.18
N LYS E 55 4.07 0.93 -27.92
CA LYS E 55 3.30 1.65 -26.92
C LYS E 55 4.13 2.74 -26.23
N ARG E 56 3.48 3.85 -25.92
CA ARG E 56 4.15 4.99 -25.34
C ARG E 56 3.72 5.16 -23.89
N PRO E 57 4.64 5.14 -22.92
CA PRO E 57 4.29 5.55 -21.56
C PRO E 57 3.57 6.89 -21.54
N SER E 58 2.53 6.98 -20.71
CA SER E 58 1.98 8.27 -20.33
C SER E 58 3.07 9.22 -19.88
N GLY E 59 3.10 10.41 -20.47
CA GLY E 59 4.10 11.41 -20.13
C GLY E 59 5.19 11.56 -21.14
N VAL E 60 5.15 10.82 -22.23
CA VAL E 60 6.19 10.84 -23.24
C VAL E 60 5.64 11.57 -24.45
N SER E 61 6.47 12.43 -25.05
CA SER E 61 6.03 13.16 -26.23
C SER E 61 5.60 12.20 -27.32
N ASN E 62 4.48 12.53 -27.97
CA ASN E 62 4.03 11.74 -29.11
C ASN E 62 4.97 11.87 -30.31
N ARG E 63 5.97 12.74 -30.22
CA ARG E 63 7.03 12.79 -31.22
C ARG E 63 7.84 11.49 -31.26
N PHE E 64 7.82 10.71 -30.18
CA PHE E 64 8.49 9.42 -30.16
C PHE E 64 7.50 8.31 -30.50
N SER E 65 7.85 7.49 -31.48
CA SER E 65 6.99 6.38 -31.88
C SER E 65 7.86 5.19 -32.23
N GLY E 66 7.22 4.03 -32.30
CA GLY E 66 7.95 2.80 -32.45
C GLY E 66 7.27 1.84 -33.40
N SER E 67 8.06 1.16 -34.20
CA SER E 67 7.55 0.14 -35.11
C SER E 67 8.53 -1.03 -35.14
N LYS E 68 8.17 -2.03 -35.93
CA LYS E 68 8.92 -3.26 -36.00
C LYS E 68 8.65 -3.90 -37.35
N SER E 69 9.62 -4.66 -37.84
CA SER E 69 9.39 -5.49 -39.01
C SER E 69 10.44 -6.58 -39.01
N GLY E 70 10.01 -7.83 -38.88
CA GLY E 70 10.96 -8.93 -38.78
C GLY E 70 11.79 -8.81 -37.53
N ASN E 71 13.11 -8.93 -37.69
CA ASN E 71 14.08 -8.83 -36.59
C ASN E 71 14.68 -7.43 -36.47
N THR E 72 14.01 -6.41 -36.97
CA THR E 72 14.48 -5.03 -36.88
C THR E 72 13.38 -4.13 -36.34
N ALA E 73 13.62 -3.53 -35.18
CA ALA E 73 12.73 -2.54 -34.61
C ALA E 73 13.29 -1.15 -34.86
N SER E 74 12.39 -0.17 -34.99
CA SER E 74 12.78 1.19 -35.35
C SER E 74 12.11 2.18 -34.42
N LEU E 75 12.90 3.12 -33.92
CA LEU E 75 12.41 4.24 -33.12
C LEU E 75 12.45 5.47 -34.02
N THR E 76 11.31 6.14 -34.16
CA THR E 76 11.25 7.35 -34.98
C THR E 76 10.95 8.56 -34.11
N ILE E 77 11.79 9.60 -34.24
CA ILE E 77 11.61 10.87 -33.52
C ILE E 77 11.33 11.94 -34.56
N SER E 78 10.14 12.53 -34.52
CA SER E 78 9.77 13.58 -35.45
C SER E 78 9.86 14.94 -34.79
N GLY E 79 9.93 15.98 -35.61
CA GLY E 79 10.14 17.35 -35.14
C GLY E 79 11.34 17.47 -34.22
N LEU E 80 12.50 16.99 -34.70
CA LEU E 80 13.70 16.89 -33.88
C LEU E 80 13.98 18.18 -33.12
N GLN E 81 14.27 18.06 -31.83
CA GLN E 81 14.53 19.19 -30.98
C GLN E 81 15.88 19.01 -30.30
N ALA E 82 16.42 20.13 -29.79
CA ALA E 82 17.69 20.07 -29.08
C ALA E 82 17.58 19.29 -27.78
N GLU E 83 16.39 19.29 -27.15
CA GLU E 83 16.14 18.39 -26.02
C GLU E 83 16.56 16.96 -26.36
N ASP E 84 16.34 16.54 -27.62
CA ASP E 84 16.43 15.13 -28.00
C ASP E 84 17.86 14.60 -28.09
N GLU E 85 18.86 15.45 -27.89
CA GLU E 85 20.28 14.98 -27.89
C GLU E 85 20.48 14.05 -26.69
N ALA E 86 20.79 12.78 -26.95
CA ALA E 86 20.98 11.79 -25.90
C ALA E 86 21.43 10.46 -26.50
N ASP E 87 21.72 9.49 -25.66
CA ASP E 87 21.89 8.11 -26.10
C ASP E 87 20.51 7.44 -26.15
N TYR E 88 20.26 6.68 -27.21
CA TYR E 88 19.04 5.90 -27.36
C TYR E 88 19.38 4.42 -27.44
N CYS E 89 18.75 3.62 -26.59
CA CYS E 89 19.10 2.22 -26.38
C CYS E 89 17.86 1.34 -26.54
N CYS E 90 17.95 0.32 -27.39
CA CYS E 90 16.86 -0.64 -27.49
C CYS E 90 17.09 -1.80 -26.54
N SER E 91 16.02 -2.52 -26.23
CA SER E 91 16.14 -3.70 -25.40
C SER E 91 15.12 -4.71 -25.87
N SER E 92 15.42 -5.99 -25.66
CA SER E 92 14.53 -7.06 -26.10
C SER E 92 14.95 -8.33 -25.37
N TYR E 93 14.28 -9.43 -25.68
CA TYR E 93 14.61 -10.69 -25.04
C TYR E 93 15.38 -11.60 -25.99
N THR E 94 16.27 -12.39 -25.41
CA THR E 94 16.68 -13.64 -26.03
C THR E 94 16.09 -14.79 -25.23
N THR E 95 16.37 -16.02 -25.68
CA THR E 95 15.91 -17.19 -24.94
C THR E 95 16.43 -17.23 -23.50
N SER E 96 17.62 -16.74 -23.26
CA SER E 96 18.18 -16.84 -21.94
C SER E 96 18.29 -15.51 -21.18
N SER E 97 18.04 -14.37 -21.81
CA SER E 97 18.38 -13.14 -21.10
C SER E 97 17.66 -11.93 -21.71
N ILE E 98 17.86 -10.80 -21.05
CA ILE E 98 17.51 -9.48 -21.56
C ILE E 98 18.75 -8.89 -22.24
N SER E 99 18.65 -8.60 -23.55
CA SER E 99 19.72 -7.94 -24.29
C SER E 99 19.46 -6.44 -24.38
N PHE E 100 20.55 -5.68 -24.60
CA PHE E 100 20.46 -4.24 -24.77
C PHE E 100 21.04 -3.77 -26.09
N GLY E 101 22.21 -4.21 -26.47
CA GLY E 101 22.82 -3.51 -27.58
C GLY E 101 23.34 -2.13 -27.20
N GLY E 102 24.26 -1.63 -28.03
CA GLY E 102 25.27 -0.67 -27.60
C GLY E 102 24.84 0.78 -27.51
N GLY E 103 23.70 1.13 -28.07
CA GLY E 103 23.23 2.49 -27.91
C GLY E 103 23.58 3.36 -29.10
N THR E 104 22.66 4.27 -29.43
CA THR E 104 22.86 5.24 -30.50
C THR E 104 22.89 6.63 -29.89
N LYS E 105 23.89 7.41 -30.28
CA LYS E 105 24.10 8.77 -29.80
C LYS E 105 23.58 9.70 -30.89
N LEU E 106 22.46 10.37 -30.60
CA LEU E 106 21.86 11.36 -31.47
C LEU E 106 22.49 12.73 -31.23
N THR E 107 22.88 13.41 -32.31
CA THR E 107 23.33 14.79 -32.23
C THR E 107 22.45 15.64 -33.15
N VAL E 108 21.95 16.76 -32.62
CA VAL E 108 21.21 17.74 -33.40
C VAL E 108 22.20 18.78 -33.94
N LEU E 109 22.24 18.90 -35.27
CA LEU E 109 23.25 19.78 -35.91
C LEU E 109 22.72 21.21 -36.04
N GLY E 110 23.49 22.07 -36.70
CA GLY E 110 23.06 23.47 -36.92
C GLY E 110 23.28 24.32 -35.68
N GLN E 111 23.99 23.78 -34.69
CA GLN E 111 24.14 24.51 -33.41
C GLN E 111 25.22 25.58 -33.57
N PRO E 112 24.99 26.80 -33.06
CA PRO E 112 25.94 27.89 -33.23
C PRO E 112 27.30 27.78 -32.53
N LYS E 113 28.37 28.18 -33.21
CA LYS E 113 29.67 28.26 -32.57
C LYS E 113 29.52 29.04 -31.27
N ALA E 114 29.99 28.48 -30.16
CA ALA E 114 29.81 29.10 -28.87
C ALA E 114 31.16 29.57 -28.33
N ALA E 115 31.20 30.82 -27.88
CA ALA E 115 32.41 31.39 -27.30
C ALA E 115 32.65 30.83 -25.90
N PRO E 116 33.73 30.09 -25.66
CA PRO E 116 33.96 29.52 -24.33
C PRO E 116 34.11 30.59 -23.25
N SER E 117 33.45 30.34 -22.12
CA SER E 117 33.56 31.15 -20.90
C SER E 117 34.60 30.56 -19.96
N VAL E 118 35.62 31.35 -19.62
CA VAL E 118 36.74 30.90 -18.80
C VAL E 118 36.78 31.72 -17.52
N THR E 119 37.07 31.06 -16.41
CA THR E 119 37.32 31.72 -15.13
C THR E 119 38.52 31.05 -14.48
N LEU E 120 39.44 31.86 -13.96
CA LEU E 120 40.68 31.36 -13.35
C LEU E 120 40.75 31.78 -11.88
N PHE E 121 41.06 30.83 -11.00
CA PHE E 121 41.11 31.10 -9.57
C PHE E 121 42.53 30.95 -9.03
N PRO E 122 43.00 31.91 -8.23
CA PRO E 122 44.33 31.80 -7.63
C PRO E 122 44.36 30.74 -6.54
N PRO E 123 45.54 30.36 -6.06
CA PRO E 123 45.61 29.39 -4.96
C PRO E 123 45.00 29.94 -3.67
N SER E 124 44.37 29.04 -2.92
CA SER E 124 43.73 29.37 -1.65
C SER E 124 44.75 29.80 -0.59
N SER E 125 44.31 30.69 0.30
CA SER E 125 45.13 31.05 1.46
C SER E 125 45.34 29.85 2.37
N GLU E 126 44.30 29.05 2.57
CA GLU E 126 44.43 27.83 3.35
C GLU E 126 45.30 26.81 2.64
N GLU E 127 45.38 26.89 1.31
CA GLU E 127 46.20 25.94 0.56
C GLU E 127 47.66 26.36 0.54
N LEU E 128 47.94 27.65 0.25
CA LEU E 128 49.29 28.16 0.37
C LEU E 128 49.88 27.84 1.74
N GLN E 129 49.07 27.97 2.79
CA GLN E 129 49.51 27.75 4.16
C GLN E 129 49.78 26.28 4.48
N ALA E 130 49.35 25.36 3.63
CA ALA E 130 49.72 23.96 3.72
C ALA E 130 50.79 23.59 2.70
N ASN E 131 51.58 24.57 2.26
CA ASN E 131 52.70 24.37 1.35
C ASN E 131 52.25 23.84 -0.01
N LYS E 132 50.97 24.00 -0.35
CA LYS E 132 50.43 23.59 -1.63
C LYS E 132 49.91 24.79 -2.39
N ALA E 133 49.76 24.63 -3.71
CA ALA E 133 49.24 25.69 -4.55
C ALA E 133 48.73 25.09 -5.85
N THR E 134 47.46 25.33 -6.18
CA THR E 134 46.89 24.91 -7.45
C THR E 134 46.19 26.09 -8.11
N LEU E 135 46.32 26.21 -9.42
CA LEU E 135 45.53 27.15 -10.21
C LEU E 135 44.42 26.38 -10.90
N VAL E 136 43.21 26.94 -10.90
CA VAL E 136 42.02 26.27 -11.42
C VAL E 136 41.45 27.09 -12.57
N CYS E 137 41.42 26.50 -13.77
CA CYS E 137 41.00 27.19 -14.98
C CYS E 137 39.75 26.51 -15.54
N LEU E 138 38.60 27.14 -15.34
CA LEU E 138 37.30 26.52 -15.58
C LEU E 138 36.73 27.04 -16.89
N ILE E 139 36.53 26.12 -17.84
CA ILE E 139 36.14 26.44 -19.21
C ILE E 139 34.74 25.88 -19.44
N SER E 140 33.87 26.67 -20.06
CA SER E 140 32.47 26.26 -20.11
C SER E 140 31.76 26.94 -21.27
N ASP E 141 30.69 26.29 -21.73
CA ASP E 141 29.71 26.84 -22.68
C ASP E 141 30.26 26.94 -24.11
N PHE E 142 31.10 25.99 -24.53
CA PHE E 142 31.58 25.93 -25.91
C PHE E 142 30.89 24.78 -26.65
N TYR E 143 30.28 25.09 -27.82
CA TYR E 143 29.57 24.04 -28.54
C TYR E 143 30.50 23.19 -29.39
N PRO E 144 31.39 23.76 -30.18
CA PRO E 144 32.46 22.93 -30.76
C PRO E 144 33.21 22.27 -29.61
N GLY E 145 33.10 20.95 -29.53
CA GLY E 145 33.38 20.22 -28.32
C GLY E 145 34.83 20.07 -27.89
N ALA E 146 35.80 20.61 -28.62
CA ALA E 146 37.21 20.41 -28.29
C ALA E 146 37.89 21.75 -28.06
N VAL E 147 38.81 21.76 -27.09
CA VAL E 147 39.50 22.96 -26.65
C VAL E 147 40.92 22.60 -26.22
N THR E 148 41.85 23.53 -26.46
CA THR E 148 43.26 23.37 -26.14
C THR E 148 43.62 24.35 -25.04
N VAL E 149 44.38 23.89 -24.05
CA VAL E 149 44.78 24.72 -22.92
C VAL E 149 46.28 25.04 -23.02
N ALA E 150 46.64 26.22 -22.52
CA ALA E 150 48.02 26.67 -22.46
C ALA E 150 48.17 27.60 -21.26
N TRP E 151 49.28 27.45 -20.53
CA TRP E 151 49.51 28.17 -19.28
C TRP E 151 50.76 29.03 -19.40
N LYS E 152 50.61 30.34 -19.18
CA LYS E 152 51.72 31.28 -19.35
C LYS E 152 51.94 32.10 -18.08
N ASP E 154 54.97 34.21 -16.27
CA ASP E 154 54.38 35.55 -16.22
C ASP E 154 53.91 35.81 -17.63
N SER E 155 54.92 36.04 -18.46
CA SER E 155 54.82 36.02 -19.91
C SER E 155 55.65 34.88 -20.49
N SER E 156 55.87 33.82 -19.71
CA SER E 156 56.73 32.69 -20.04
C SER E 156 55.96 31.39 -19.93
N PRO E 157 56.10 30.49 -20.90
CA PRO E 157 55.32 29.25 -20.87
C PRO E 157 55.69 28.35 -19.69
N VAL E 158 54.63 27.77 -19.08
CA VAL E 158 54.81 26.80 -17.95
C VAL E 158 54.02 25.56 -18.35
N LYS E 159 54.62 24.36 -18.28
CA LYS E 159 53.99 23.12 -18.70
C LYS E 159 54.24 21.96 -17.73
N ALA E 160 55.00 22.17 -16.65
CA ALA E 160 55.49 21.06 -15.85
C ALA E 160 54.36 20.34 -15.11
N GLY E 161 53.48 21.09 -14.44
CA GLY E 161 52.42 20.44 -13.68
C GLY E 161 51.01 20.76 -14.14
N VAL E 162 50.64 20.33 -15.35
CA VAL E 162 49.36 20.68 -15.97
C VAL E 162 48.58 19.40 -16.25
N GLU E 163 47.41 19.26 -15.61
CA GLU E 163 46.49 18.16 -15.85
C GLU E 163 45.11 18.71 -16.22
N THR E 164 44.62 18.36 -17.42
CA THR E 164 43.43 18.94 -18.02
C THR E 164 42.40 17.85 -18.31
N THR E 165 41.12 18.24 -18.42
CA THR E 165 40.04 17.29 -18.61
C THR E 165 39.85 16.91 -20.07
N THR E 166 39.20 15.77 -20.26
CA THR E 166 38.46 15.52 -21.47
C THR E 166 37.23 16.42 -21.52
N PRO E 167 36.77 16.82 -22.71
CA PRO E 167 35.56 17.61 -22.79
C PRO E 167 34.37 16.85 -22.21
N SER E 168 33.44 17.61 -21.62
CA SER E 168 32.24 17.03 -21.01
C SER E 168 31.01 17.76 -21.53
N LYS E 169 30.04 16.88 -22.00
CA LYS E 169 28.74 17.40 -22.49
C LYS E 169 27.93 17.90 -21.30
N GLN E 170 27.29 19.12 -21.50
CA GLN E 170 26.53 19.65 -20.37
C GLN E 170 25.06 19.83 -20.76
N SER E 171 24.29 20.29 -19.79
CA SER E 171 22.83 20.39 -19.87
C SER E 171 22.35 21.05 -21.16
N ASN E 172 22.90 22.21 -21.49
CA ASN E 172 22.47 22.99 -22.65
C ASN E 172 23.14 22.55 -23.92
N ASN E 173 23.60 21.30 -23.99
CA ASN E 173 24.22 20.67 -25.16
C ASN E 173 25.60 21.23 -25.49
N LYS E 174 26.08 22.25 -24.78
CA LYS E 174 27.44 22.73 -24.95
C LYS E 174 28.35 21.89 -24.03
N TYR E 175 29.62 22.25 -23.93
CA TYR E 175 30.60 21.38 -23.30
C TYR E 175 31.43 22.16 -22.28
N ALA E 176 32.10 21.42 -21.39
CA ALA E 176 32.80 22.03 -20.27
C ALA E 176 34.14 21.33 -20.05
N ALA E 177 35.12 22.11 -19.61
CA ALA E 177 36.46 21.61 -19.33
C ALA E 177 36.99 22.23 -18.04
N SER E 178 38.03 21.59 -17.50
CA SER E 178 38.71 22.06 -16.30
C SER E 178 40.21 21.83 -16.47
N SER E 179 41.04 22.69 -15.88
CA SER E 179 42.51 22.55 -15.96
C SER E 179 43.16 22.88 -14.62
N TYR E 180 44.12 22.05 -14.19
CA TYR E 180 44.76 22.25 -12.86
C TYR E 180 46.27 22.35 -13.00
N LEU E 181 46.86 23.44 -12.48
CA LEU E 181 48.33 23.60 -12.51
C LEU E 181 48.86 23.36 -11.10
N SER E 182 49.66 22.31 -10.92
CA SER E 182 50.29 22.09 -9.59
C SER E 182 51.48 23.04 -9.51
N LEU E 183 51.48 23.91 -8.50
CA LEU E 183 52.54 24.94 -8.42
C LEU E 183 53.15 24.92 -7.03
N THR E 184 54.37 25.42 -6.91
CA THR E 184 55.01 25.49 -5.61
C THR E 184 54.62 26.81 -4.95
N PRO E 185 54.34 26.82 -3.64
CA PRO E 185 53.92 28.10 -3.02
C PRO E 185 54.96 29.20 -3.17
N GLU E 186 56.25 28.85 -3.09
CA GLU E 186 57.30 29.84 -3.35
C GLU E 186 57.44 30.12 -4.84
N GLN E 187 57.01 29.19 -5.69
CA GLN E 187 57.06 29.38 -7.14
C GLN E 187 55.98 30.35 -7.60
N TRP E 188 54.88 30.41 -6.86
CA TRP E 188 53.75 31.29 -7.27
C TRP E 188 54.00 32.69 -6.74
N LYS E 189 54.53 32.82 -5.52
CA LYS E 189 54.68 34.13 -4.90
C LYS E 189 55.78 34.96 -5.58
N SER E 190 56.76 34.30 -6.19
CA SER E 190 57.84 35.01 -6.88
C SER E 190 57.35 35.65 -8.18
N HIS E 191 56.59 34.86 -8.94
CA HIS E 191 56.11 35.35 -10.26
C HIS E 191 55.15 36.51 -10.05
N ARG E 192 55.05 37.42 -11.02
CA ARG E 192 54.17 38.61 -10.89
C ARG E 192 52.76 38.22 -11.33
N SER E 193 52.63 37.27 -12.25
CA SER E 193 51.32 36.79 -12.67
C SER E 193 51.44 35.36 -13.19
N TYR E 194 50.28 34.72 -13.32
CA TYR E 194 50.14 33.42 -13.95
C TYR E 194 48.92 33.46 -14.85
N SER E 195 48.98 32.74 -15.96
CA SER E 195 47.96 32.90 -17.00
C SER E 195 47.52 31.54 -17.54
N CYS E 196 46.24 31.45 -17.89
CA CYS E 196 45.66 30.28 -18.53
C CYS E 196 45.01 30.73 -19.83
N GLN E 197 45.46 30.16 -20.95
CA GLN E 197 44.92 30.50 -22.27
C GLN E 197 44.30 29.26 -22.87
N VAL E 198 43.04 29.38 -23.27
CA VAL E 198 42.31 28.29 -23.92
C VAL E 198 41.97 28.72 -25.34
N THR E 199 42.29 27.84 -26.30
CA THR E 199 42.12 28.12 -27.72
C THR E 199 40.94 27.31 -28.23
N HIS E 200 40.04 27.96 -28.97
CA HIS E 200 38.82 27.27 -29.39
C HIS E 200 38.36 27.79 -30.75
N GLU E 201 38.54 26.97 -31.78
CA GLU E 201 38.08 27.27 -33.15
C GLU E 201 38.64 28.60 -33.63
N GLY E 202 39.97 28.73 -33.54
CA GLY E 202 40.61 29.98 -33.89
C GLY E 202 40.38 31.10 -32.90
N SER E 203 39.99 30.77 -31.67
CA SER E 203 39.74 31.77 -30.63
C SER E 203 40.49 31.36 -29.37
N THR E 204 41.49 32.14 -28.99
CA THR E 204 42.09 32.04 -27.67
C THR E 204 41.38 32.95 -26.68
N VAL E 205 41.04 32.40 -25.52
CA VAL E 205 40.49 33.16 -24.41
C VAL E 205 41.47 33.06 -23.26
N GLU E 206 41.91 34.20 -22.76
CA GLU E 206 42.93 34.26 -21.72
C GLU E 206 42.37 34.89 -20.46
N LYS E 207 42.71 34.31 -19.32
CA LYS E 207 42.45 34.88 -18.01
C LYS E 207 43.74 34.86 -17.23
N THR E 208 44.00 35.96 -16.51
CA THR E 208 45.28 36.10 -15.77
C THR E 208 44.99 36.40 -14.29
N VAL E 209 45.78 35.82 -13.40
CA VAL E 209 45.62 36.02 -11.97
C VAL E 209 46.97 36.45 -11.39
N ALA E 210 46.93 37.08 -10.22
CA ALA E 210 48.10 37.65 -9.56
C ALA E 210 48.08 37.26 -8.08
N PRO E 211 49.24 37.41 -7.37
CA PRO E 211 49.33 36.95 -5.97
C PRO E 211 48.34 37.56 -4.96
N THR E 212 48.65 38.72 -4.39
CA THR E 212 47.85 39.25 -3.26
C THR E 212 46.37 39.49 -3.57
N THR F 42 -30.95 -10.81 -5.56
CA THR F 42 -29.86 -11.78 -5.66
C THR F 42 -28.57 -11.17 -6.30
N ASN F 43 -27.45 -11.61 -5.76
CA ASN F 43 -26.12 -11.10 -6.08
C ASN F 43 -25.61 -11.63 -7.42
N LEU F 44 -24.74 -10.83 -8.06
CA LEU F 44 -24.15 -11.21 -9.33
C LEU F 44 -23.18 -12.37 -9.15
N CYS F 45 -23.15 -13.28 -10.13
CA CYS F 45 -22.22 -14.39 -10.09
C CYS F 45 -20.78 -13.84 -10.16
N PRO F 46 -19.83 -14.44 -9.44
CA PRO F 46 -18.48 -13.83 -9.34
C PRO F 46 -17.52 -14.32 -10.44
N PHE F 47 -17.87 -14.04 -11.70
CA PHE F 47 -16.97 -14.42 -12.78
C PHE F 47 -15.63 -13.68 -12.67
N GLY F 48 -15.62 -12.52 -12.04
CA GLY F 48 -14.36 -11.83 -11.77
C GLY F 48 -13.33 -12.71 -11.11
N GLU F 49 -13.73 -13.48 -10.09
CA GLU F 49 -12.71 -14.26 -9.40
C GLU F 49 -12.30 -15.52 -10.18
N VAL F 50 -12.97 -15.86 -11.29
CA VAL F 50 -12.43 -16.89 -12.17
C VAL F 50 -11.54 -16.28 -13.23
N PHE F 51 -12.08 -15.32 -13.99
CA PHE F 51 -11.36 -14.78 -15.13
C PHE F 51 -10.20 -13.88 -14.69
N ASN F 52 -10.33 -13.21 -13.55
CA ASN F 52 -9.32 -12.26 -13.10
C ASN F 52 -8.49 -12.81 -11.95
N ALA F 53 -8.55 -14.11 -11.69
CA ALA F 53 -7.70 -14.70 -10.66
C ALA F 53 -6.23 -14.39 -10.97
N THR F 54 -5.45 -14.17 -9.92
CA THR F 54 -4.06 -13.80 -10.18
C THR F 54 -3.23 -15.02 -10.56
N ARG F 55 -3.48 -16.15 -9.91
CA ARG F 55 -2.86 -17.42 -10.23
C ARG F 55 -3.82 -18.38 -10.97
N PHE F 56 -3.31 -19.01 -12.02
CA PHE F 56 -4.02 -20.04 -12.78
C PHE F 56 -3.34 -21.40 -12.62
N ALA F 57 -4.14 -22.45 -12.68
CA ALA F 57 -3.68 -23.81 -12.50
C ALA F 57 -3.00 -24.35 -13.76
N SER F 58 -2.04 -25.25 -13.56
CA SER F 58 -1.62 -26.14 -14.64
C SER F 58 -2.78 -26.95 -15.18
N VAL F 59 -2.76 -27.17 -16.51
CA VAL F 59 -3.86 -27.89 -17.16
C VAL F 59 -4.02 -29.29 -16.55
N TYR F 60 -2.93 -29.99 -16.21
CA TYR F 60 -3.10 -31.33 -15.65
C TYR F 60 -3.82 -31.29 -14.29
N ALA F 61 -3.70 -30.17 -13.57
CA ALA F 61 -4.40 -29.98 -12.30
C ALA F 61 -5.46 -28.89 -12.42
N TRP F 62 -6.21 -28.90 -13.53
CA TRP F 62 -7.13 -27.82 -13.81
C TRP F 62 -8.00 -27.53 -12.59
N ASN F 63 -8.21 -26.24 -12.34
CA ASN F 63 -9.11 -25.76 -11.29
C ASN F 63 -10.59 -25.84 -11.71
N ARG F 64 -11.47 -26.12 -10.73
CA ARG F 64 -12.91 -26.08 -10.96
C ARG F 64 -13.56 -25.23 -9.87
N LYS F 65 -14.38 -24.28 -10.28
CA LYS F 65 -15.12 -23.47 -9.31
C LYS F 65 -16.60 -23.66 -9.56
N ARG F 66 -17.34 -23.89 -8.47
CA ARG F 66 -18.81 -24.07 -8.56
C ARG F 66 -19.51 -22.73 -8.40
N ILE F 67 -20.32 -22.36 -9.38
CA ILE F 67 -21.07 -21.10 -9.39
C ILE F 67 -22.52 -21.44 -9.05
N SER F 68 -23.05 -20.79 -8.01
CA SER F 68 -24.38 -21.13 -7.50
C SER F 68 -25.04 -19.89 -6.91
N ASN F 69 -26.37 -19.93 -6.87
CA ASN F 69 -27.21 -18.96 -6.15
C ASN F 69 -26.85 -17.51 -6.51
N CYS F 70 -27.11 -17.14 -7.76
CA CYS F 70 -26.60 -15.86 -8.25
C CYS F 70 -27.17 -15.55 -9.63
N VAL F 71 -27.07 -14.28 -10.03
CA VAL F 71 -27.46 -13.83 -11.36
C VAL F 71 -26.21 -13.71 -12.22
N ALA F 72 -26.29 -14.22 -13.44
CA ALA F 72 -25.15 -14.30 -14.34
C ALA F 72 -25.41 -13.48 -15.59
N ASP F 73 -24.75 -12.33 -15.72
CA ASP F 73 -24.84 -11.58 -16.98
C ASP F 73 -23.75 -12.12 -17.90
N TYR F 74 -24.13 -12.99 -18.83
CA TYR F 74 -23.14 -13.54 -19.73
C TYR F 74 -22.71 -12.53 -20.79
N SER F 75 -23.59 -11.60 -21.14
CA SER F 75 -23.25 -10.61 -22.17
C SER F 75 -22.16 -9.67 -21.69
N VAL F 76 -22.18 -9.36 -20.40
CA VAL F 76 -21.13 -8.48 -19.83
C VAL F 76 -19.82 -9.26 -19.86
N LEU F 77 -19.85 -10.55 -19.49
CA LEU F 77 -18.66 -11.43 -19.52
C LEU F 77 -18.11 -11.40 -20.94
N TYR F 78 -18.99 -11.35 -21.93
CA TYR F 78 -18.54 -11.23 -23.34
C TYR F 78 -18.25 -9.75 -23.58
N ASN F 79 -19.00 -9.12 -24.48
CA ASN F 79 -18.69 -7.71 -24.87
C ASN F 79 -17.24 -7.74 -25.32
N SER F 80 -16.79 -8.90 -25.82
CA SER F 80 -15.39 -9.08 -26.26
C SER F 80 -14.43 -8.36 -25.32
N ALA F 81 -14.27 -8.87 -24.10
CA ALA F 81 -13.25 -8.28 -23.19
C ALA F 81 -11.91 -8.91 -23.55
N SER F 82 -11.43 -8.66 -24.78
CA SER F 82 -10.14 -9.20 -25.26
C SER F 82 -10.14 -10.74 -25.27
N PHE F 83 -11.18 -11.37 -25.83
CA PHE F 83 -11.12 -12.84 -25.92
C PHE F 83 -10.78 -13.30 -27.35
N SER F 84 -9.69 -14.03 -27.51
CA SER F 84 -9.34 -14.59 -28.81
C SER F 84 -10.15 -15.84 -29.15
N THR F 85 -10.68 -16.54 -28.16
CA THR F 85 -11.63 -17.63 -28.35
C THR F 85 -12.80 -17.43 -27.41
N PHE F 86 -14.03 -17.62 -27.93
CA PHE F 86 -15.18 -17.62 -27.02
C PHE F 86 -16.30 -18.33 -27.79
N LYS F 87 -16.32 -19.66 -27.70
CA LYS F 87 -17.21 -20.46 -28.52
C LYS F 87 -18.13 -21.28 -27.62
N CYS F 88 -19.43 -21.15 -27.84
CA CYS F 88 -20.41 -21.86 -27.06
C CYS F 88 -20.94 -23.05 -27.86
N TYR F 89 -21.03 -24.20 -27.20
CA TYR F 89 -21.58 -25.45 -27.76
C TYR F 89 -22.86 -25.77 -27.01
N GLY F 90 -23.98 -25.69 -27.71
CA GLY F 90 -25.27 -26.04 -27.16
C GLY F 90 -26.18 -24.90 -26.76
N VAL F 91 -25.78 -23.63 -26.98
CA VAL F 91 -26.59 -22.49 -26.53
C VAL F 91 -25.98 -21.14 -26.91
N SER F 92 -26.81 -20.12 -27.15
CA SER F 92 -26.10 -18.87 -27.43
C SER F 92 -26.01 -17.98 -26.20
N PRO F 93 -24.93 -17.17 -26.10
CA PRO F 93 -24.79 -16.27 -24.94
C PRO F 93 -25.97 -15.32 -24.76
N THR F 94 -26.56 -14.83 -25.86
CA THR F 94 -27.74 -13.98 -25.69
C THR F 94 -28.90 -14.77 -25.09
N LYS F 95 -29.11 -16.01 -25.51
CA LYS F 95 -30.15 -16.81 -24.89
C LYS F 95 -29.81 -17.16 -23.46
N LEU F 96 -28.51 -17.31 -23.16
CA LEU F 96 -28.08 -17.67 -21.81
C LEU F 96 -28.59 -16.70 -20.76
N ASN F 97 -28.94 -15.46 -21.15
CA ASN F 97 -29.39 -14.48 -20.18
C ASN F 97 -30.85 -14.66 -19.80
N ASP F 98 -31.57 -15.58 -20.47
CA ASP F 98 -32.93 -15.95 -20.09
C ASP F 98 -32.99 -17.31 -19.40
N LEU F 99 -31.89 -18.05 -19.40
CA LEU F 99 -31.80 -19.43 -18.94
C LEU F 99 -31.48 -19.52 -17.45
N CYS F 100 -32.02 -20.54 -16.79
CA CYS F 100 -31.70 -20.86 -15.42
C CYS F 100 -31.02 -22.22 -15.37
N PHE F 101 -30.12 -22.40 -14.41
CA PHE F 101 -29.41 -23.66 -14.32
C PHE F 101 -29.27 -24.06 -12.86
N THR F 102 -29.12 -25.37 -12.66
CA THR F 102 -28.91 -25.87 -11.31
C THR F 102 -27.56 -25.38 -10.79
N ASN F 103 -26.50 -25.65 -11.54
CA ASN F 103 -25.17 -25.19 -11.25
C ASN F 103 -24.49 -24.74 -12.53
N VAL F 104 -23.51 -23.86 -12.37
CA VAL F 104 -22.54 -23.57 -13.41
C VAL F 104 -21.17 -23.90 -12.84
N TYR F 105 -20.32 -24.50 -13.67
CA TYR F 105 -18.96 -24.83 -13.29
C TYR F 105 -18.02 -24.05 -14.19
N ALA F 106 -16.98 -23.45 -13.60
CA ALA F 106 -15.96 -22.71 -14.35
C ALA F 106 -14.64 -23.45 -14.15
N ASP F 107 -14.13 -24.02 -15.22
CA ASP F 107 -12.87 -24.75 -15.19
C ASP F 107 -11.80 -23.86 -15.81
N SER F 108 -10.59 -23.81 -15.22
CA SER F 108 -9.58 -22.87 -15.70
C SER F 108 -8.18 -23.44 -15.58
N PHE F 109 -7.32 -23.05 -16.53
CA PHE F 109 -5.97 -23.59 -16.63
C PHE F 109 -5.22 -22.83 -17.73
N VAL F 110 -3.93 -23.14 -17.86
CA VAL F 110 -3.11 -22.58 -18.93
C VAL F 110 -2.65 -23.71 -19.85
N ILE F 111 -2.73 -23.47 -21.16
CA ILE F 111 -2.10 -24.30 -22.18
C ILE F 111 -1.39 -23.38 -23.17
N ARG F 112 -0.64 -24.00 -24.10
CA ARG F 112 -0.10 -23.38 -25.31
C ARG F 112 -1.20 -22.91 -26.27
N GLY F 113 -0.83 -21.97 -27.14
CA GLY F 113 -1.79 -21.48 -28.12
C GLY F 113 -2.20 -22.54 -29.12
N ASP F 114 -1.25 -23.40 -29.53
CA ASP F 114 -1.53 -24.56 -30.39
C ASP F 114 -2.70 -25.42 -29.93
N GLU F 115 -2.96 -25.46 -28.63
CA GLU F 115 -3.78 -26.51 -28.06
C GLU F 115 -5.16 -26.03 -27.65
N VAL F 116 -5.45 -24.73 -27.77
CA VAL F 116 -6.78 -24.22 -27.46
C VAL F 116 -7.85 -24.99 -28.24
N ARG F 117 -7.57 -25.26 -29.52
CA ARG F 117 -8.40 -26.14 -30.33
C ARG F 117 -8.69 -27.49 -29.70
N GLN F 118 -7.80 -28.03 -28.86
CA GLN F 118 -8.22 -29.31 -28.27
C GLN F 118 -9.29 -29.12 -27.20
N ILE F 119 -9.59 -27.88 -26.79
CA ILE F 119 -10.60 -27.66 -25.75
C ILE F 119 -11.96 -27.53 -26.43
N ALA F 120 -12.48 -28.66 -26.92
CA ALA F 120 -13.75 -28.67 -27.65
C ALA F 120 -14.27 -30.10 -27.67
N PRO F 121 -15.59 -30.29 -27.79
CA PRO F 121 -16.13 -31.67 -27.88
C PRO F 121 -15.49 -32.43 -29.02
N GLY F 122 -15.17 -33.69 -28.74
CA GLY F 122 -14.71 -34.62 -29.77
C GLY F 122 -13.31 -34.40 -30.32
N GLN F 123 -12.37 -33.92 -29.51
CA GLN F 123 -11.00 -33.70 -30.00
C GLN F 123 -10.06 -34.76 -29.45
N THR F 124 -8.89 -34.84 -30.09
CA THR F 124 -7.83 -35.74 -29.66
C THR F 124 -6.54 -34.94 -29.66
N GLY F 125 -5.51 -35.49 -28.98
CA GLY F 125 -4.28 -34.78 -28.70
C GLY F 125 -3.90 -34.88 -27.25
N ASN F 126 -2.68 -34.43 -26.94
CA ASN F 126 -2.15 -34.59 -25.59
C ASN F 126 -3.06 -33.96 -24.53
N ILE F 127 -3.66 -32.81 -24.82
CA ILE F 127 -4.48 -32.15 -23.81
C ILE F 127 -5.82 -32.86 -23.64
N ALA F 128 -6.51 -33.13 -24.76
CA ALA F 128 -7.84 -33.72 -24.70
C ALA F 128 -7.79 -35.14 -24.12
N ASP F 129 -6.75 -35.89 -24.43
CA ASP F 129 -6.67 -37.28 -23.99
C ASP F 129 -6.17 -37.38 -22.57
N TYR F 130 -5.18 -36.58 -22.19
CA TYR F 130 -4.44 -36.80 -20.96
C TYR F 130 -4.60 -35.71 -19.91
N ASN F 131 -5.24 -34.59 -20.24
CA ASN F 131 -5.20 -33.47 -19.30
C ASN F 131 -6.58 -32.91 -18.99
N TYR F 132 -7.34 -32.52 -20.00
CA TYR F 132 -8.67 -31.96 -19.77
C TYR F 132 -9.54 -32.35 -20.95
N LYS F 133 -10.63 -33.10 -20.68
CA LYS F 133 -11.44 -33.74 -21.71
C LYS F 133 -12.88 -33.24 -21.63
N LEU F 134 -13.37 -32.65 -22.68
CA LEU F 134 -14.76 -32.26 -22.81
C LEU F 134 -15.60 -33.43 -23.36
N PRO F 135 -16.87 -33.56 -22.96
CA PRO F 135 -17.71 -34.63 -23.52
C PRO F 135 -18.28 -34.29 -24.90
N ASP F 136 -18.64 -35.34 -25.64
CA ASP F 136 -19.20 -35.16 -26.97
C ASP F 136 -20.46 -34.31 -26.95
N ASP F 137 -21.27 -34.42 -25.90
CA ASP F 137 -22.52 -33.67 -25.78
C ASP F 137 -22.37 -32.46 -24.86
N PHE F 138 -21.31 -31.67 -25.06
CA PHE F 138 -20.97 -30.60 -24.13
C PHE F 138 -21.96 -29.44 -24.22
N THR F 139 -22.41 -28.96 -23.06
CA THR F 139 -23.32 -27.81 -23.01
C THR F 139 -22.61 -26.71 -22.22
N GLY F 140 -21.91 -25.85 -22.95
CA GLY F 140 -21.27 -24.71 -22.33
C GLY F 140 -20.46 -23.91 -23.32
N CYS F 141 -19.56 -23.06 -22.79
CA CYS F 141 -18.74 -22.13 -23.57
C CYS F 141 -17.27 -22.31 -23.22
N VAL F 142 -16.42 -22.34 -24.25
CA VAL F 142 -14.97 -22.34 -24.08
C VAL F 142 -14.44 -20.93 -24.35
N ILE F 143 -13.69 -20.38 -23.40
CA ILE F 143 -13.19 -19.01 -23.49
C ILE F 143 -11.69 -19.00 -23.21
N ALA F 144 -10.91 -18.30 -24.04
CA ALA F 144 -9.46 -18.26 -23.85
C ALA F 144 -8.90 -16.92 -24.31
N TRP F 145 -7.78 -16.53 -23.71
CA TRP F 145 -7.04 -15.33 -24.11
C TRP F 145 -5.54 -15.56 -23.95
N ASN F 146 -4.78 -14.79 -24.71
CA ASN F 146 -3.33 -14.83 -24.67
C ASN F 146 -2.82 -14.17 -23.39
N SER F 147 -1.91 -14.84 -22.68
CA SER F 147 -1.37 -14.35 -21.41
C SER F 147 0.15 -14.29 -21.43
N ASN F 148 0.74 -14.10 -22.60
CA ASN F 148 2.20 -14.07 -22.73
C ASN F 148 2.82 -13.01 -21.84
N ASN F 149 2.17 -11.88 -21.68
CA ASN F 149 2.78 -10.84 -20.87
C ASN F 149 2.60 -11.08 -19.38
N LEU F 150 1.95 -12.18 -18.99
CA LEU F 150 1.91 -12.53 -17.58
C LEU F 150 2.50 -13.90 -17.28
N ASP F 151 2.38 -14.86 -18.18
CA ASP F 151 2.72 -16.25 -17.88
C ASP F 151 4.03 -16.72 -18.51
N SER F 152 4.70 -15.88 -19.31
CA SER F 152 6.09 -16.17 -19.62
C SER F 152 7.02 -15.37 -18.70
N LYS F 153 8.31 -15.69 -18.75
CA LYS F 153 9.31 -14.90 -18.05
C LYS F 153 10.69 -15.17 -18.66
N VAL F 154 11.65 -14.31 -18.28
CA VAL F 154 13.02 -14.41 -18.77
C VAL F 154 13.59 -15.79 -18.44
N GLY F 155 14.23 -16.42 -19.41
CA GLY F 155 14.70 -17.77 -19.22
C GLY F 155 13.62 -18.83 -19.25
N GLY F 156 12.37 -18.44 -19.55
CA GLY F 156 11.27 -19.38 -19.49
C GLY F 156 10.62 -19.42 -18.12
N ASN F 157 9.30 -19.48 -18.13
CA ASN F 157 8.50 -19.79 -16.95
C ASN F 157 8.21 -21.29 -16.98
N TYR F 158 8.60 -22.01 -15.92
CA TYR F 158 8.42 -23.48 -15.91
C TYR F 158 7.35 -23.96 -14.94
N ASN F 159 6.70 -23.07 -14.20
CA ASN F 159 5.58 -23.43 -13.34
C ASN F 159 4.36 -24.10 -14.03
N TYR F 160 4.10 -23.92 -15.32
CA TYR F 160 2.91 -24.59 -15.89
C TYR F 160 3.30 -25.92 -16.52
N LEU F 161 2.56 -26.99 -16.19
CA LEU F 161 2.87 -28.34 -16.67
C LEU F 161 1.67 -28.99 -17.38
N TYR F 162 1.96 -30.01 -18.19
CA TYR F 162 0.94 -30.88 -18.77
C TYR F 162 1.37 -32.34 -18.69
N ARG F 163 0.37 -33.24 -18.71
CA ARG F 163 0.62 -34.68 -18.71
C ARG F 163 0.96 -35.17 -20.11
N LEU F 164 2.07 -35.89 -20.21
CA LEU F 164 2.58 -36.39 -21.48
C LEU F 164 2.16 -37.82 -21.75
N PHE F 165 2.05 -38.65 -20.71
CA PHE F 165 1.70 -40.07 -20.87
C PHE F 165 0.60 -40.47 -19.88
N ARG F 166 -0.34 -41.30 -20.35
CA ARG F 166 -1.32 -41.92 -19.47
C ARG F 166 -1.69 -43.29 -20.03
N LYS F 167 -2.07 -44.21 -19.13
CA LYS F 167 -2.37 -45.58 -19.55
C LYS F 167 -3.68 -45.66 -20.32
N SER F 168 -4.61 -44.75 -20.06
CA SER F 168 -5.81 -44.63 -20.87
C SER F 168 -6.18 -43.16 -20.95
N ASN F 169 -7.07 -42.85 -21.89
CA ASN F 169 -7.52 -41.48 -22.03
C ASN F 169 -8.42 -41.10 -20.86
N LEU F 170 -8.48 -39.80 -20.59
CA LEU F 170 -9.31 -39.26 -19.54
C LEU F 170 -10.78 -39.39 -19.94
N LYS F 171 -11.63 -39.55 -19.00
CA LYS F 171 -13.04 -39.47 -19.32
C LYS F 171 -13.48 -38.01 -19.10
N PRO F 172 -14.59 -37.60 -19.70
CA PRO F 172 -14.96 -36.19 -19.63
C PRO F 172 -14.91 -35.68 -18.19
N PHE F 173 -14.31 -34.50 -18.02
CA PHE F 173 -14.18 -33.79 -16.74
C PHE F 173 -13.44 -34.60 -15.69
N GLU F 174 -12.77 -35.68 -16.08
CA GLU F 174 -11.90 -36.37 -15.12
C GLU F 174 -10.60 -35.58 -14.93
N ARG F 175 -9.97 -35.77 -13.78
CA ARG F 175 -8.73 -35.06 -13.47
C ARG F 175 -7.73 -36.06 -12.92
N ASP F 176 -6.48 -35.96 -13.37
CA ASP F 176 -5.43 -36.86 -12.90
C ASP F 176 -4.24 -36.03 -12.46
N ILE F 177 -4.00 -35.98 -11.14
CA ILE F 177 -2.86 -35.29 -10.56
C ILE F 177 -1.79 -36.24 -10.08
N SER F 178 -1.84 -37.51 -10.47
CA SER F 178 -0.81 -38.44 -10.02
C SER F 178 0.53 -38.12 -10.69
N THR F 179 1.61 -38.50 -10.02
CA THR F 179 2.94 -38.29 -10.56
C THR F 179 3.72 -39.58 -10.67
N GLU F 180 3.04 -40.73 -10.79
CA GLU F 180 3.80 -41.97 -10.87
C GLU F 180 4.55 -42.06 -12.19
N ILE F 181 5.67 -42.77 -12.16
CA ILE F 181 6.43 -43.06 -13.37
C ILE F 181 5.60 -43.93 -14.31
N TYR F 182 5.65 -43.61 -15.60
CA TYR F 182 4.92 -44.31 -16.64
C TYR F 182 5.83 -45.37 -17.26
N GLN F 183 5.31 -46.60 -17.41
CA GLN F 183 6.04 -47.72 -18.01
C GLN F 183 5.64 -47.85 -19.47
N ALA F 184 6.53 -47.43 -20.37
CA ALA F 184 6.27 -47.62 -21.80
C ALA F 184 6.48 -49.08 -22.21
N GLY F 185 7.51 -49.73 -21.68
CA GLY F 185 7.77 -51.14 -21.94
C GLY F 185 7.15 -52.05 -20.89
N SER F 186 7.74 -53.24 -20.75
CA SER F 186 7.31 -54.18 -19.72
C SER F 186 8.24 -54.23 -18.52
N THR F 187 9.48 -53.77 -18.66
CA THR F 187 10.41 -53.72 -17.54
C THR F 187 9.85 -52.83 -16.43
N PRO F 188 9.62 -53.35 -15.23
CA PRO F 188 9.06 -52.52 -14.16
C PRO F 188 10.08 -51.49 -13.67
N CYS F 189 9.56 -50.38 -13.14
CA CYS F 189 10.43 -49.27 -12.74
C CYS F 189 10.78 -49.35 -11.25
N ASN F 196 12.90 -46.46 -20.88
CA ASN F 196 11.70 -47.27 -20.73
C ASN F 196 10.68 -46.66 -19.75
N CYS F 197 11.16 -45.89 -18.78
CA CYS F 197 10.35 -45.29 -17.73
C CYS F 197 10.46 -43.77 -17.78
N TYR F 198 9.32 -43.08 -17.75
CA TYR F 198 9.23 -41.65 -17.96
C TYR F 198 8.48 -40.95 -16.84
N PHE F 199 9.05 -39.84 -16.36
CA PHE F 199 8.27 -38.91 -15.56
C PHE F 199 7.09 -38.42 -16.39
N PRO F 200 5.88 -38.37 -15.82
CA PRO F 200 4.68 -38.17 -16.65
C PRO F 200 4.29 -36.74 -16.96
N LEU F 201 4.92 -35.74 -16.36
CA LEU F 201 4.58 -34.36 -16.69
C LEU F 201 5.75 -33.72 -17.41
N GLN F 202 5.44 -32.72 -18.23
CA GLN F 202 6.46 -31.92 -18.89
C GLN F 202 6.10 -30.45 -18.71
N SER F 203 7.11 -29.60 -18.53
CA SER F 203 6.88 -28.18 -18.35
C SER F 203 6.78 -27.46 -19.70
N TYR F 204 5.93 -26.43 -19.75
CA TYR F 204 5.77 -25.63 -20.95
C TYR F 204 6.94 -24.68 -21.21
N GLY F 205 7.66 -24.27 -20.17
CA GLY F 205 8.78 -23.35 -20.34
C GLY F 205 8.49 -22.09 -21.15
N PHE F 206 7.40 -21.38 -20.84
CA PHE F 206 6.94 -20.29 -21.72
C PHE F 206 7.99 -19.20 -21.88
N GLN F 207 8.47 -19.02 -23.12
CA GLN F 207 9.50 -18.00 -23.37
C GLN F 207 8.89 -16.79 -24.04
N PRO F 208 9.26 -15.56 -23.64
CA PRO F 208 8.70 -14.38 -24.30
C PRO F 208 9.10 -14.23 -25.77
N THR F 209 10.01 -15.07 -26.27
CA THR F 209 10.43 -15.10 -27.67
C THR F 209 9.56 -16.01 -28.55
N TYR F 210 8.75 -16.88 -27.98
CA TYR F 210 7.99 -17.86 -28.77
C TYR F 210 6.95 -17.20 -29.69
N GLY F 211 6.63 -17.87 -30.81
CA GLY F 211 5.47 -17.48 -31.59
C GLY F 211 4.19 -17.85 -30.86
N VAL F 212 3.04 -17.32 -31.34
CA VAL F 212 1.77 -17.46 -30.62
C VAL F 212 1.40 -18.92 -30.36
N GLY F 213 1.73 -19.83 -31.26
CA GLY F 213 1.40 -21.23 -31.06
C GLY F 213 1.99 -21.81 -29.80
N TYR F 214 3.16 -21.30 -29.37
CA TYR F 214 3.82 -21.81 -28.17
C TYR F 214 3.68 -20.86 -27.00
N GLN F 215 2.95 -19.79 -27.17
CA GLN F 215 2.69 -18.81 -26.12
C GLN F 215 1.59 -19.34 -25.20
N PRO F 216 1.56 -18.89 -23.94
CA PRO F 216 0.52 -19.36 -23.02
C PRO F 216 -0.82 -18.70 -23.27
N TYR F 217 -1.89 -19.49 -23.08
CA TYR F 217 -3.25 -19.02 -23.12
C TYR F 217 -3.96 -19.45 -21.84
N ARG F 218 -4.67 -18.52 -21.22
CA ARG F 218 -5.53 -18.86 -20.11
C ARG F 218 -6.89 -19.25 -20.66
N VAL F 219 -7.44 -20.33 -20.13
CA VAL F 219 -8.70 -20.88 -20.63
C VAL F 219 -9.70 -20.97 -19.48
N VAL F 220 -10.92 -20.50 -19.73
CA VAL F 220 -12.05 -20.77 -18.86
C VAL F 220 -13.12 -21.55 -19.63
N VAL F 221 -13.57 -22.64 -19.04
CA VAL F 221 -14.64 -23.49 -19.58
C VAL F 221 -15.85 -23.34 -18.66
N LEU F 222 -16.94 -22.77 -19.20
CA LEU F 222 -18.22 -22.72 -18.49
C LEU F 222 -19.07 -23.94 -18.86
N SER F 223 -19.47 -24.73 -17.85
CA SER F 223 -20.44 -25.82 -17.98
C SER F 223 -21.74 -25.40 -17.33
N PHE F 224 -22.87 -25.62 -18.01
CA PHE F 224 -24.18 -25.29 -17.46
C PHE F 224 -24.88 -26.61 -17.14
N GLU F 225 -25.07 -26.87 -15.85
CA GLU F 225 -25.59 -28.14 -15.38
C GLU F 225 -27.06 -28.02 -15.02
N LEU F 226 -27.83 -29.06 -15.38
CA LEU F 226 -29.26 -29.13 -15.16
C LEU F 226 -29.59 -30.46 -14.51
N LEU F 227 -30.10 -30.42 -13.29
CA LEU F 227 -30.41 -31.61 -12.52
C LEU F 227 -31.84 -31.52 -12.03
N HIS F 228 -32.38 -32.67 -11.63
CA HIS F 228 -33.64 -32.70 -10.88
C HIS F 228 -33.42 -32.13 -9.49
N ALA F 229 -33.27 -30.81 -9.41
CA ALA F 229 -33.01 -30.12 -8.15
C ALA F 229 -33.41 -28.66 -8.34
N PRO F 230 -33.35 -27.84 -7.28
CA PRO F 230 -33.61 -26.40 -7.45
C PRO F 230 -32.55 -25.71 -8.29
N ALA F 231 -33.00 -24.88 -9.23
CA ALA F 231 -32.12 -24.08 -10.06
C ALA F 231 -31.65 -22.83 -9.31
N THR F 232 -30.35 -22.55 -9.33
CA THR F 232 -29.82 -21.43 -8.56
C THR F 232 -29.13 -20.35 -9.37
N VAL F 233 -28.82 -20.57 -10.63
CA VAL F 233 -28.07 -19.59 -11.42
C VAL F 233 -28.94 -19.18 -12.59
N CYS F 234 -29.32 -17.90 -12.64
CA CYS F 234 -30.27 -17.39 -13.63
C CYS F 234 -29.73 -16.13 -14.31
N GLY F 235 -30.21 -15.89 -15.53
CA GLY F 235 -29.80 -14.72 -16.30
C GLY F 235 -30.60 -13.44 -16.06
#